data_4F8Y
#
_entry.id   4F8Y
#
_cell.length_a   50.614
_cell.length_b   79.413
_cell.length_c   106.502
_cell.angle_alpha   90.00
_cell.angle_beta   90.08
_cell.angle_gamma   90.00
#
_symmetry.space_group_name_H-M   'P 1 21 1'
#
loop_
_entity.id
_entity.type
_entity.pdbx_description
1 polymer 'NADPH Quinone Oxidoreductase'
2 non-polymer 'FLAVIN-ADENINE DINUCLEOTIDE'
3 non-polymer MENADIONE
4 water water
#
_entity_poly.entity_id   1
_entity_poly.type   'polypeptide(L)'
_entity_poly.pdbx_seq_one_letter_code
;MKILIVYTHPNPTSFNAEILKQVQTNLSKEHTVSTLDLYAEHFDPVLQFNETHKRRDLAKVAEMEKYRDLVTWADHLIFI
FPIWWSGMPAILKGFIDRVFVADFAYSYKKVGLEGHLQGKSAWIITTHNTPSFAMPFVQDYGKVLKKQILKPCAISPVKL
TELTSIEKISDDERQKLLHKVAQITRNILEHHHHHH
;
_entity_poly.pdbx_strand_id   A,B,C,D
#
loop_
_chem_comp.id
_chem_comp.type
_chem_comp.name
_chem_comp.formula
FAD non-polymer 'FLAVIN-ADENINE DINUCLEOTIDE' 'C27 H33 N9 O15 P2'
VK3 non-polymer MENADIONE 'C11 H8 O2'
#
# COMPACT_ATOMS: atom_id res chain seq x y z
N MET A 1 -5.73 -3.56 11.96
CA MET A 1 -4.91 -4.73 11.63
C MET A 1 -4.29 -4.57 10.24
N LYS A 2 -3.29 -5.41 9.95
CA LYS A 2 -2.53 -5.32 8.71
C LYS A 2 -3.07 -6.31 7.67
N ILE A 3 -3.50 -5.79 6.51
CA ILE A 3 -4.14 -6.62 5.49
C ILE A 3 -3.32 -6.64 4.21
N LEU A 4 -2.90 -7.83 3.79
CA LEU A 4 -2.23 -7.96 2.52
C LEU A 4 -3.18 -8.59 1.50
N ILE A 5 -3.51 -7.83 0.45
CA ILE A 5 -4.29 -8.37 -0.66
C ILE A 5 -3.30 -8.86 -1.70
N VAL A 6 -3.31 -10.16 -1.98
CA VAL A 6 -2.53 -10.70 -3.10
C VAL A 6 -3.45 -10.85 -4.31
N TYR A 7 -3.19 -10.06 -5.35
CA TYR A 7 -4.09 -9.96 -6.50
C TYR A 7 -3.44 -10.53 -7.79
N THR A 8 -4.21 -11.32 -8.52
CA THR A 8 -3.69 -12.08 -9.63
C THR A 8 -4.60 -11.97 -10.85
N HIS A 9 -4.23 -11.10 -11.78
CA HIS A 9 -4.88 -11.07 -13.08
C HIS A 9 -4.06 -10.24 -14.05
N PRO A 10 -3.88 -10.74 -15.27
CA PRO A 10 -3.02 -10.03 -16.23
C PRO A 10 -3.68 -8.77 -16.81
N ASN A 11 -5.00 -8.65 -16.65
CA ASN A 11 -5.79 -7.58 -17.26
C ASN A 11 -6.25 -6.51 -16.27
N PRO A 12 -5.67 -5.30 -16.38
CA PRO A 12 -5.98 -4.22 -15.43
C PRO A 12 -7.43 -3.78 -15.55
N THR A 13 -8.08 -4.13 -16.65
CA THR A 13 -9.50 -3.81 -16.84
C THR A 13 -10.41 -5.05 -16.71
N SER A 14 -9.90 -6.10 -16.08
CA SER A 14 -10.66 -7.33 -15.87
C SER A 14 -11.71 -7.17 -14.77
N PHE A 15 -12.64 -8.11 -14.71
CA PHE A 15 -13.61 -8.15 -13.63
C PHE A 15 -12.87 -8.30 -12.31
N ASN A 16 -11.84 -9.16 -12.30
CA ASN A 16 -11.02 -9.35 -11.10
C ASN A 16 -10.43 -8.05 -10.59
N ALA A 17 -10.00 -7.20 -11.52
CA ALA A 17 -9.52 -5.86 -11.18
C ALA A 17 -10.61 -5.03 -10.48
N GLU A 18 -11.86 -5.23 -10.89
CA GLU A 18 -13.00 -4.55 -10.27
C GLU A 18 -13.25 -5.08 -8.85
N ILE A 19 -13.06 -6.38 -8.66
CA ILE A 19 -13.14 -6.99 -7.33
C ILE A 19 -12.08 -6.41 -6.40
N LEU A 20 -10.85 -6.30 -6.90
CA LEU A 20 -9.76 -5.68 -6.16
C LEU A 20 -10.14 -4.28 -5.72
N LYS A 21 -10.66 -3.50 -6.66
CA LYS A 21 -11.09 -2.13 -6.39
C LYS A 21 -12.15 -2.09 -5.28
N GLN A 22 -13.13 -3.00 -5.35
CA GLN A 22 -14.17 -3.11 -4.33
C GLN A 22 -13.60 -3.41 -2.94
N VAL A 23 -12.59 -4.27 -2.89
CA VAL A 23 -11.95 -4.64 -1.63
C VAL A 23 -11.14 -3.48 -1.06
N GLN A 24 -10.26 -2.90 -1.88
CA GLN A 24 -9.44 -1.78 -1.46
C GLN A 24 -10.31 -0.64 -0.98
N THR A 25 -11.38 -0.34 -1.71
CA THR A 25 -12.18 0.83 -1.36
C THR A 25 -13.06 0.64 -0.12
N ASN A 26 -13.42 -0.60 0.22
CA ASN A 26 -14.35 -0.89 1.32
C ASN A 26 -13.74 -1.41 2.62
N LEU A 27 -12.41 -1.50 2.66
CA LEU A 27 -11.72 -1.89 3.88
C LEU A 27 -11.72 -0.73 4.86
N SER A 28 -11.98 -1.02 6.12
CA SER A 28 -12.03 0.01 7.15
C SER A 28 -10.69 0.77 7.22
N LYS A 29 -10.77 2.08 7.47
CA LYS A 29 -9.58 2.94 7.53
C LYS A 29 -8.73 2.72 8.78
N GLU A 30 -9.21 1.89 9.71
CA GLU A 30 -8.40 1.52 10.87
C GLU A 30 -7.35 0.50 10.46
N HIS A 31 -7.61 -0.17 9.33
CA HIS A 31 -6.68 -1.17 8.82
C HIS A 31 -5.55 -0.51 8.04
N THR A 32 -4.37 -1.13 8.08
CA THR A 32 -3.25 -0.76 7.20
C THR A 32 -3.20 -1.78 6.07
N VAL A 33 -3.48 -1.35 4.84
CA VAL A 33 -3.67 -2.29 3.73
C VAL A 33 -2.56 -2.17 2.68
N SER A 34 -1.97 -3.30 2.32
CA SER A 34 -1.00 -3.31 1.23
C SER A 34 -1.38 -4.32 0.12
N THR A 35 -1.36 -3.85 -1.12
CA THR A 35 -1.72 -4.68 -2.27
C THR A 35 -0.48 -5.19 -3.01
N LEU A 36 -0.46 -6.49 -3.25
CA LEU A 36 0.60 -7.12 -4.03
C LEU A 36 0.02 -7.58 -5.38
N ASP A 37 0.23 -6.76 -6.40
CA ASP A 37 -0.16 -7.11 -7.75
C ASP A 37 0.96 -7.94 -8.36
N LEU A 38 0.81 -9.26 -8.32
CA LEU A 38 1.87 -10.16 -8.80
C LEU A 38 2.24 -9.86 -10.26
N TYR A 39 1.24 -9.54 -11.09
CA TYR A 39 1.47 -9.25 -12.50
C TYR A 39 2.18 -7.92 -12.72
N ALA A 40 1.77 -6.91 -11.96
CA ALA A 40 2.42 -5.60 -11.98
C ALA A 40 3.84 -5.66 -11.41
N GLU A 41 4.08 -6.64 -10.52
CA GLU A 41 5.40 -6.84 -9.92
C GLU A 41 6.34 -7.62 -10.83
N HIS A 42 5.79 -8.14 -11.93
CA HIS A 42 6.52 -9.03 -12.83
C HIS A 42 7.08 -10.21 -12.03
N PHE A 43 6.28 -10.70 -11.09
CA PHE A 43 6.70 -11.81 -10.22
C PHE A 43 7.14 -13.03 -11.02
N ASP A 44 8.32 -13.52 -10.68
CA ASP A 44 8.88 -14.75 -11.26
C ASP A 44 8.43 -15.95 -10.41
N PRO A 45 7.46 -16.73 -10.92
CA PRO A 45 6.88 -17.83 -10.15
C PRO A 45 7.68 -19.14 -10.22
N VAL A 46 8.85 -19.13 -10.86
CA VAL A 46 9.63 -20.36 -11.07
C VAL A 46 10.63 -20.66 -9.92
N LEU A 47 10.26 -21.59 -9.06
CA LEU A 47 11.09 -21.99 -7.93
C LEU A 47 12.34 -22.76 -8.38
N GLN A 48 13.51 -22.26 -8.01
CA GLN A 48 14.76 -22.89 -8.41
C GLN A 48 15.48 -23.49 -7.21
N PHE A 49 15.91 -24.74 -7.35
CA PHE A 49 16.85 -25.32 -6.41
C PHE A 49 17.61 -26.47 -7.07
N ASN A 50 18.78 -26.75 -6.50
CA ASN A 50 19.71 -27.72 -7.07
C ASN A 50 20.86 -27.90 -6.11
N GLU A 51 21.92 -28.56 -6.57
CA GLU A 51 23.08 -28.83 -5.74
C GLU A 51 23.76 -27.56 -5.25
N THR A 52 23.89 -26.61 -6.16
CA THR A 52 24.49 -25.31 -5.88
C THR A 52 23.64 -24.51 -4.90
N HIS A 53 22.37 -24.35 -5.25
CA HIS A 53 21.44 -23.60 -4.42
C HIS A 53 20.43 -24.55 -3.80
N LYS A 54 20.77 -24.99 -2.60
CA LYS A 54 20.08 -26.07 -1.94
C LYS A 54 18.66 -25.66 -1.55
N ARG A 55 17.78 -26.65 -1.53
CA ARG A 55 16.41 -26.47 -1.10
C ARG A 55 16.38 -25.99 0.34
N ARG A 56 17.40 -26.39 1.10
CA ARG A 56 17.50 -26.04 2.52
C ARG A 56 17.55 -24.51 2.74
N ASP A 57 17.99 -23.80 1.71
CA ASP A 57 18.30 -22.37 1.83
C ASP A 57 17.21 -21.46 1.25
N LEU A 58 16.09 -22.04 0.85
CA LEU A 58 15.06 -21.30 0.13
C LEU A 58 14.51 -20.15 0.97
N ALA A 59 14.35 -20.38 2.27
CA ALA A 59 13.84 -19.37 3.19
C ALA A 59 14.83 -18.22 3.35
N LYS A 60 15.96 -18.31 2.65
CA LYS A 60 16.92 -17.23 2.65
C LYS A 60 17.24 -16.72 1.23
N VAL A 61 16.39 -17.07 0.25
CA VAL A 61 16.59 -16.59 -1.11
C VAL A 61 16.32 -15.08 -1.17
N ALA A 62 17.21 -14.34 -1.82
CA ALA A 62 17.18 -12.88 -1.81
C ALA A 62 15.95 -12.22 -2.46
N GLU A 63 15.66 -12.60 -3.71
CA GLU A 63 14.60 -12.00 -4.50
C GLU A 63 13.23 -12.10 -3.81
N MET A 64 13.08 -13.12 -2.97
CA MET A 64 11.80 -13.41 -2.33
C MET A 64 11.68 -12.77 -0.96
N GLU A 65 12.71 -12.06 -0.52
CA GLU A 65 12.70 -11.47 0.80
C GLU A 65 11.59 -10.43 0.96
N LYS A 66 11.39 -9.63 -0.09
CA LYS A 66 10.33 -8.65 -0.11
C LYS A 66 8.98 -9.31 0.20
N TYR A 67 8.80 -10.49 -0.36
CA TYR A 67 7.52 -11.19 -0.29
C TYR A 67 7.34 -12.05 0.96
N ARG A 68 8.43 -12.51 1.56
CA ARG A 68 8.36 -13.14 2.88
C ARG A 68 7.97 -12.08 3.91
N ASP A 69 8.60 -10.93 3.84
CA ASP A 69 8.38 -9.86 4.82
C ASP A 69 6.94 -9.33 4.79
N LEU A 70 6.33 -9.30 3.60
CA LEU A 70 4.91 -8.93 3.45
C LEU A 70 4.00 -9.93 4.17
N VAL A 71 4.25 -11.22 3.94
CA VAL A 71 3.49 -12.27 4.63
C VAL A 71 3.61 -12.16 6.15
N THR A 72 4.84 -11.98 6.64
CA THR A 72 5.07 -11.89 8.08
C THR A 72 4.35 -10.68 8.69
N TRP A 73 4.35 -9.58 7.95
CA TRP A 73 3.73 -8.33 8.38
C TRP A 73 2.20 -8.48 8.52
N ALA A 74 1.57 -9.15 7.56
CA ALA A 74 0.12 -9.28 7.51
C ALA A 74 -0.50 -10.00 8.71
N ASP A 75 -1.68 -9.52 9.12
CA ASP A 75 -2.53 -10.25 10.05
C ASP A 75 -3.59 -10.99 9.23
N HIS A 76 -3.96 -10.41 8.09
CA HIS A 76 -5.02 -10.94 7.25
C HIS A 76 -4.66 -10.84 5.76
N LEU A 77 -4.77 -11.96 5.03
CA LEU A 77 -4.46 -11.99 3.61
C LEU A 77 -5.72 -12.21 2.79
N ILE A 78 -5.95 -11.35 1.80
CA ILE A 78 -7.05 -11.56 0.88
C ILE A 78 -6.48 -12.00 -0.45
N PHE A 79 -6.87 -13.19 -0.92
CA PHE A 79 -6.43 -13.68 -2.23
C PHE A 79 -7.53 -13.47 -3.29
N ILE A 80 -7.19 -12.74 -4.35
CA ILE A 80 -8.13 -12.51 -5.45
C ILE A 80 -7.59 -13.08 -6.76
N PHE A 81 -8.29 -14.06 -7.35
CA PHE A 81 -7.83 -14.66 -8.60
C PHE A 81 -8.93 -15.38 -9.41
N PRO A 82 -8.76 -15.45 -10.75
CA PRO A 82 -9.62 -16.30 -11.58
C PRO A 82 -9.18 -17.76 -11.43
N ILE A 83 -10.13 -18.68 -11.51
CA ILE A 83 -9.80 -20.08 -11.61
C ILE A 83 -9.26 -20.37 -13.02
N TRP A 84 -8.02 -20.83 -13.10
CA TRP A 84 -7.47 -21.34 -14.38
C TRP A 84 -7.14 -22.82 -14.24
N TRP A 85 -7.77 -23.65 -15.07
CA TRP A 85 -7.62 -25.10 -14.96
C TRP A 85 -7.75 -25.64 -13.52
N SER A 86 -8.88 -25.29 -12.90
CA SER A 86 -9.29 -25.80 -11.58
C SER A 86 -8.50 -25.24 -10.40
N GLY A 87 -7.56 -24.34 -10.66
CA GLY A 87 -6.75 -23.78 -9.59
C GLY A 87 -6.11 -22.42 -9.84
N MET A 88 -5.09 -22.13 -9.04
CA MET A 88 -4.45 -20.83 -9.10
C MET A 88 -3.72 -20.65 -10.41
N PRO A 89 -3.80 -19.43 -10.99
CA PRO A 89 -2.95 -19.10 -12.13
C PRO A 89 -1.50 -19.43 -11.81
N ALA A 90 -0.72 -19.83 -12.82
CA ALA A 90 0.66 -20.21 -12.62
C ALA A 90 1.46 -19.23 -11.75
N ILE A 91 1.27 -17.92 -11.97
CA ILE A 91 2.06 -16.90 -11.27
C ILE A 91 1.76 -16.86 -9.77
N LEU A 92 0.52 -17.12 -9.40
CA LEU A 92 0.14 -17.20 -7.99
C LEU A 92 0.57 -18.54 -7.38
N LYS A 93 0.46 -19.62 -8.15
CA LYS A 93 0.95 -20.93 -7.70
C LYS A 93 2.45 -20.87 -7.38
N GLY A 94 3.21 -20.14 -8.20
CA GLY A 94 4.62 -19.91 -7.93
C GLY A 94 4.87 -18.98 -6.76
N PHE A 95 3.92 -18.09 -6.49
CA PHE A 95 3.99 -17.24 -5.28
C PHE A 95 4.05 -18.11 -4.01
N ILE A 96 3.17 -19.11 -3.96
CA ILE A 96 3.17 -20.11 -2.90
C ILE A 96 4.45 -20.94 -2.88
N ASP A 97 4.80 -21.53 -4.03
CA ASP A 97 6.00 -22.35 -4.16
C ASP A 97 7.23 -21.63 -3.63
N ARG A 98 7.42 -20.38 -4.02
CA ARG A 98 8.67 -19.68 -3.72
C ARG A 98 8.69 -18.98 -2.37
N VAL A 99 7.53 -18.50 -1.93
CA VAL A 99 7.43 -17.74 -0.68
C VAL A 99 7.05 -18.59 0.56
N PHE A 100 6.05 -19.47 0.40
CA PHE A 100 5.63 -20.32 1.50
C PHE A 100 6.54 -21.54 1.61
N VAL A 101 7.79 -21.31 2.01
CA VAL A 101 8.81 -22.35 1.98
C VAL A 101 9.10 -22.94 3.37
N ALA A 102 9.72 -24.12 3.40
CA ALA A 102 10.09 -24.73 4.67
C ALA A 102 11.04 -23.81 5.41
N ASP A 103 10.78 -23.66 6.71
CA ASP A 103 11.54 -22.77 7.58
C ASP A 103 11.08 -21.32 7.50
N PHE A 104 10.02 -21.09 6.75
CA PHE A 104 9.34 -19.81 6.82
C PHE A 104 7.85 -20.01 7.10
N ALA A 105 7.16 -20.66 6.17
CA ALA A 105 5.71 -20.83 6.27
C ALA A 105 5.32 -22.03 7.11
N TYR A 106 6.20 -23.03 7.15
CA TYR A 106 5.94 -24.27 7.87
C TYR A 106 7.28 -24.95 8.18
N SER A 107 7.20 -26.03 8.96
CA SER A 107 8.36 -26.88 9.19
C SER A 107 7.86 -28.26 9.60
N TYR A 108 8.77 -29.16 9.92
CA TYR A 108 8.36 -30.54 10.09
C TYR A 108 8.21 -30.97 11.56
N LYS A 109 6.97 -31.34 11.91
CA LYS A 109 6.71 -32.04 13.17
C LYS A 109 7.43 -33.39 13.12
N LYS A 110 7.64 -34.00 14.29
CA LYS A 110 8.24 -35.33 14.32
C LYS A 110 7.53 -36.19 13.30
N VAL A 111 6.23 -35.95 13.16
CA VAL A 111 5.38 -36.73 12.26
C VAL A 111 4.96 -36.00 10.97
N GLY A 112 4.29 -34.86 11.09
CA GLY A 112 3.77 -34.15 9.92
C GLY A 112 4.36 -32.77 9.64
N LEU A 113 3.50 -31.75 9.61
CA LEU A 113 3.95 -30.37 9.46
C LEU A 113 3.50 -29.53 10.64
N GLU A 114 4.29 -28.49 10.93
CA GLU A 114 3.94 -27.48 11.92
C GLU A 114 3.84 -26.14 11.19
N GLY A 115 2.66 -25.53 11.20
CA GLY A 115 2.50 -24.22 10.58
C GLY A 115 3.21 -23.12 11.36
N HIS A 116 3.82 -22.18 10.65
CA HIS A 116 4.55 -21.06 11.27
C HIS A 116 3.87 -19.70 11.08
N LEU A 117 2.72 -19.69 10.43
CA LEU A 117 2.02 -18.44 10.12
C LEU A 117 0.78 -18.27 11.00
N GLN A 118 0.87 -18.76 12.22
CA GLN A 118 -0.15 -18.57 13.24
C GLN A 118 -0.43 -17.09 13.50
N GLY A 119 -1.66 -16.76 13.88
CA GLY A 119 -2.04 -15.39 14.14
C GLY A 119 -2.58 -14.69 12.90
N LYS A 120 -2.62 -15.43 11.80
CA LYS A 120 -3.13 -14.90 10.55
C LYS A 120 -4.42 -15.59 10.12
N SER A 121 -5.25 -14.84 9.40
CA SER A 121 -6.46 -15.36 8.78
C SER A 121 -6.46 -14.98 7.30
N ALA A 122 -7.44 -15.45 6.56
CA ALA A 122 -7.44 -15.19 5.12
C ALA A 122 -8.83 -15.19 4.51
N TRP A 123 -8.92 -14.56 3.34
CA TRP A 123 -10.13 -14.56 2.55
C TRP A 123 -9.69 -14.86 1.13
N ILE A 124 -10.31 -15.85 0.51
CA ILE A 124 -10.01 -16.17 -0.87
C ILE A 124 -11.22 -15.79 -1.71
N ILE A 125 -11.00 -14.94 -2.71
CA ILE A 125 -12.07 -14.56 -3.64
C ILE A 125 -11.79 -15.11 -5.03
N THR A 126 -12.64 -16.03 -5.47
CA THR A 126 -12.47 -16.71 -6.75
C THR A 126 -13.56 -16.32 -7.75
N THR A 127 -13.19 -16.37 -9.02
CA THR A 127 -14.14 -16.27 -10.12
C THR A 127 -13.98 -17.49 -11.04
N HIS A 128 -15.09 -17.97 -11.60
CA HIS A 128 -15.04 -19.05 -12.60
C HIS A 128 -16.39 -19.24 -13.29
N ASN A 129 -16.43 -20.14 -14.28
CA ASN A 129 -17.63 -20.37 -15.10
C ASN A 129 -18.43 -21.62 -14.77
N THR A 130 -18.06 -22.31 -13.69
CA THR A 130 -18.69 -23.57 -13.29
C THR A 130 -19.85 -23.31 -12.32
N PRO A 131 -20.95 -24.08 -12.46
CA PRO A 131 -22.10 -23.98 -11.55
C PRO A 131 -21.74 -24.24 -10.09
N SER A 132 -22.39 -23.54 -9.18
CA SER A 132 -22.04 -23.64 -7.76
C SER A 132 -22.34 -25.01 -7.16
N PHE A 133 -23.32 -25.70 -7.73
CA PHE A 133 -23.69 -27.02 -7.20
C PHE A 133 -22.54 -28.00 -7.38
N ALA A 134 -21.70 -27.75 -8.38
CA ALA A 134 -20.62 -28.65 -8.74
C ALA A 134 -19.44 -28.48 -7.79
N MET A 135 -19.46 -27.42 -7.01
CA MET A 135 -18.31 -27.06 -6.18
C MET A 135 -17.88 -28.12 -5.16
N PRO A 136 -18.85 -28.74 -4.45
CA PRO A 136 -18.46 -29.82 -3.54
C PRO A 136 -17.79 -31.02 -4.24
N PHE A 137 -17.81 -31.05 -5.57
CA PHE A 137 -17.44 -32.28 -6.30
C PHE A 137 -16.19 -32.13 -7.15
N VAL A 138 -15.91 -30.92 -7.60
CA VAL A 138 -14.70 -30.69 -8.38
C VAL A 138 -13.47 -30.65 -7.48
N GLN A 139 -12.37 -31.23 -7.96
CA GLN A 139 -11.08 -31.07 -7.29
C GLN A 139 -10.66 -29.60 -7.29
N ASP A 140 -10.12 -29.16 -6.16
CA ASP A 140 -9.56 -27.81 -6.01
C ASP A 140 -10.62 -26.71 -6.14
N TYR A 141 -10.54 -25.91 -7.20
CA TYR A 141 -11.37 -24.69 -7.30
C TYR A 141 -11.28 -23.82 -6.04
N GLY A 142 -10.05 -23.57 -5.58
CA GLY A 142 -9.82 -22.76 -4.40
C GLY A 142 -9.73 -23.57 -3.11
N LYS A 143 -10.21 -24.81 -3.16
CA LYS A 143 -10.18 -25.72 -2.01
C LYS A 143 -8.77 -26.19 -1.63
N VAL A 144 -7.87 -26.32 -2.60
CA VAL A 144 -6.48 -26.66 -2.29
C VAL A 144 -5.82 -25.56 -1.46
N LEU A 145 -5.83 -24.33 -1.97
CA LEU A 145 -5.28 -23.17 -1.26
C LEU A 145 -5.85 -23.00 0.16
N LYS A 146 -7.16 -23.09 0.30
CA LYS A 146 -7.79 -23.04 1.61
C LYS A 146 -7.40 -24.21 2.52
N LYS A 147 -7.60 -25.43 2.04
CA LYS A 147 -7.50 -26.62 2.88
C LYS A 147 -6.10 -27.23 2.96
N GLN A 148 -5.37 -27.19 1.85
CA GLN A 148 -4.09 -27.91 1.79
C GLN A 148 -2.84 -27.02 1.68
N ILE A 149 -3.06 -25.70 1.66
CA ILE A 149 -1.96 -24.74 1.71
C ILE A 149 -2.06 -23.86 2.96
N LEU A 150 -3.05 -22.99 3.01
CA LEU A 150 -3.13 -22.00 4.08
C LEU A 150 -3.32 -22.65 5.45
N LYS A 151 -4.20 -23.64 5.54
CA LYS A 151 -4.45 -24.30 6.82
C LYS A 151 -3.22 -24.99 7.42
N PRO A 152 -2.48 -25.78 6.61
CA PRO A 152 -1.26 -26.42 7.14
C PRO A 152 -0.22 -25.43 7.66
N CYS A 153 -0.14 -24.23 7.08
CA CYS A 153 0.79 -23.20 7.54
C CYS A 153 0.27 -22.43 8.77
N ALA A 154 -0.86 -22.87 9.31
CA ALA A 154 -1.46 -22.32 10.53
C ALA A 154 -2.25 -21.01 10.33
N ILE A 155 -2.78 -20.81 9.13
CA ILE A 155 -3.60 -19.65 8.84
C ILE A 155 -5.07 -20.02 9.00
N SER A 156 -5.79 -19.28 9.83
CA SER A 156 -7.17 -19.62 10.19
C SER A 156 -7.84 -18.48 10.95
N PRO A 157 -9.14 -18.28 10.71
CA PRO A 157 -9.92 -19.06 9.74
C PRO A 157 -9.54 -18.72 8.30
N VAL A 158 -10.18 -19.40 7.36
CA VAL A 158 -10.05 -19.10 5.94
C VAL A 158 -11.46 -19.09 5.36
N LYS A 159 -11.86 -17.93 4.83
CA LYS A 159 -13.15 -17.77 4.16
C LYS A 159 -12.96 -17.99 2.66
N LEU A 160 -13.78 -18.84 2.06
CA LEU A 160 -13.73 -19.07 0.62
C LEU A 160 -14.99 -18.53 -0.04
N THR A 161 -14.80 -17.49 -0.85
CA THR A 161 -15.89 -16.81 -1.53
C THR A 161 -15.80 -17.05 -3.03
N GLU A 162 -16.73 -17.86 -3.55
CA GLU A 162 -16.75 -18.25 -4.95
C GLU A 162 -17.82 -17.50 -5.73
N LEU A 163 -17.40 -16.75 -6.75
CA LEU A 163 -18.31 -16.07 -7.65
C LEU A 163 -18.45 -16.93 -8.92
N THR A 164 -19.53 -17.68 -8.97
CA THR A 164 -19.71 -18.75 -9.96
C THR A 164 -20.44 -18.28 -11.23
N SER A 165 -20.50 -19.16 -12.23
CA SER A 165 -21.09 -18.84 -13.54
C SER A 165 -20.86 -17.37 -13.84
N ILE A 166 -19.60 -16.96 -13.72
CA ILE A 166 -19.25 -15.55 -13.67
C ILE A 166 -19.42 -14.88 -15.02
N GLU A 167 -19.15 -15.62 -16.08
CA GLU A 167 -19.27 -15.09 -17.43
C GLU A 167 -20.64 -15.43 -18.02
N LYS A 168 -21.31 -16.44 -17.45
CA LYS A 168 -22.63 -16.81 -17.92
C LYS A 168 -23.76 -15.91 -17.39
N ILE A 169 -23.59 -15.38 -16.18
CA ILE A 169 -24.62 -14.51 -15.61
C ILE A 169 -24.69 -13.16 -16.32
N SER A 170 -25.69 -12.36 -15.97
CA SER A 170 -25.88 -11.04 -16.57
C SER A 170 -24.89 -10.01 -15.99
N ASP A 171 -24.93 -8.80 -16.52
CA ASP A 171 -24.09 -7.72 -16.01
C ASP A 171 -24.70 -7.10 -14.75
N ASP A 172 -26.01 -7.25 -14.58
CA ASP A 172 -26.67 -6.81 -13.36
C ASP A 172 -26.30 -7.78 -12.25
N GLU A 173 -26.35 -9.07 -12.58
CA GLU A 173 -25.96 -10.10 -11.64
C GLU A 173 -24.49 -9.99 -11.19
N ARG A 174 -23.60 -9.63 -12.11
CA ARG A 174 -22.21 -9.42 -11.76
C ARG A 174 -22.03 -8.21 -10.83
N GLN A 175 -22.80 -7.14 -11.07
CA GLN A 175 -22.78 -5.96 -10.21
C GLN A 175 -23.29 -6.33 -8.80
N LYS A 176 -24.35 -7.14 -8.76
CA LYS A 176 -24.81 -7.73 -7.50
C LYS A 176 -23.70 -8.50 -6.76
N LEU A 177 -22.94 -9.33 -7.48
CA LEU A 177 -21.78 -10.00 -6.88
C LEU A 177 -20.77 -8.99 -6.30
N LEU A 178 -20.55 -7.88 -7.00
CA LEU A 178 -19.65 -6.83 -6.51
C LEU A 178 -20.17 -6.24 -5.20
N HIS A 179 -21.47 -6.09 -5.09
CA HIS A 179 -22.09 -5.60 -3.84
C HIS A 179 -21.85 -6.57 -2.68
N LYS A 180 -21.94 -7.87 -2.96
CA LYS A 180 -21.65 -8.91 -1.97
C LYS A 180 -20.19 -8.85 -1.47
N VAL A 181 -19.24 -8.70 -2.40
CA VAL A 181 -17.83 -8.50 -2.05
C VAL A 181 -17.65 -7.25 -1.17
N ALA A 182 -18.21 -6.13 -1.61
CA ALA A 182 -18.11 -4.89 -0.85
C ALA A 182 -18.65 -5.04 0.57
N GLN A 183 -19.80 -5.70 0.72
CA GLN A 183 -20.38 -5.85 2.05
C GLN A 183 -19.59 -6.79 2.97
N ILE A 184 -19.04 -7.87 2.44
CA ILE A 184 -18.19 -8.74 3.26
C ILE A 184 -16.97 -7.94 3.71
N THR A 185 -16.39 -7.19 2.78
CA THR A 185 -15.19 -6.39 3.02
C THR A 185 -15.40 -5.40 4.17
N ARG A 186 -16.56 -4.73 4.15
CA ARG A 186 -16.93 -3.79 5.20
C ARG A 186 -17.01 -4.46 6.57
N ASN A 187 -17.23 -5.78 6.57
CA ASN A 187 -17.31 -6.54 7.82
C ASN A 187 -15.99 -7.16 8.25
N ILE A 188 -14.94 -6.92 7.47
CA ILE A 188 -13.60 -7.28 7.93
C ILE A 188 -13.20 -6.24 8.98
N LEU A 189 -13.31 -6.63 10.25
CA LEU A 189 -13.15 -5.72 11.37
C LEU A 189 -12.53 -6.44 12.53
N GLU A 190 -11.74 -5.72 13.33
CA GLU A 190 -11.21 -6.26 14.58
C GLU A 190 -12.37 -6.39 15.57
N HIS A 191 -12.24 -7.31 16.54
CA HIS A 191 -13.35 -7.58 17.46
C HIS A 191 -13.75 -6.34 18.25
N HIS A 192 -15.05 -6.04 18.23
CA HIS A 192 -15.60 -4.86 18.90
C HIS A 192 -15.08 -3.55 18.31
N HIS A 193 -14.96 -3.53 16.98
CA HIS A 193 -14.68 -2.32 16.21
C HIS A 193 -15.76 -2.13 15.14
N HIS A 194 -15.98 -0.88 14.74
CA HIS A 194 -16.90 -0.57 13.64
C HIS A 194 -16.14 -0.02 12.44
N HIS A 195 -16.79 -0.03 11.28
CA HIS A 195 -16.16 0.42 10.03
C HIS A 195 -15.86 1.92 10.00
N HIS A 196 -14.59 2.26 9.83
CA HIS A 196 -14.17 3.65 9.62
C HIS A 196 -14.06 3.95 8.13
N MET B 1 4.94 -45.06 -31.79
CA MET B 1 4.16 -43.85 -31.97
C MET B 1 4.98 -42.62 -31.60
N LYS B 2 4.38 -41.43 -31.75
CA LYS B 2 5.07 -40.19 -31.37
C LYS B 2 4.85 -39.90 -29.88
N ILE B 3 5.94 -39.77 -29.14
CA ILE B 3 5.87 -39.57 -27.68
C ILE B 3 6.52 -38.26 -27.23
N LEU B 4 5.75 -37.45 -26.51
CA LEU B 4 6.27 -36.22 -25.92
C LEU B 4 6.34 -36.43 -24.42
N ILE B 5 7.56 -36.33 -23.89
CA ILE B 5 7.77 -36.33 -22.45
C ILE B 5 7.87 -34.88 -22.00
N VAL B 6 6.93 -34.45 -21.17
CA VAL B 6 7.02 -33.14 -20.54
C VAL B 6 7.52 -33.31 -19.10
N TYR B 7 8.75 -32.87 -18.87
CA TYR B 7 9.48 -33.11 -17.64
C TYR B 7 9.60 -31.81 -16.85
N THR B 8 9.25 -31.85 -15.56
CA THR B 8 9.28 -30.66 -14.72
C THR B 8 10.09 -30.86 -13.42
N HIS B 9 11.29 -30.28 -13.37
CA HIS B 9 12.09 -30.25 -12.15
C HIS B 9 13.35 -29.40 -12.31
N PRO B 10 13.65 -28.56 -11.30
CA PRO B 10 14.77 -27.62 -11.33
C PRO B 10 16.15 -28.27 -11.25
N ASN B 11 16.24 -29.45 -10.63
CA ASN B 11 17.52 -30.11 -10.36
C ASN B 11 17.75 -31.36 -11.22
N PRO B 12 18.79 -31.31 -12.09
CA PRO B 12 19.12 -32.38 -13.05
C PRO B 12 19.59 -33.67 -12.37
N THR B 13 19.91 -33.60 -11.08
CA THR B 13 20.32 -34.77 -10.32
C THR B 13 19.28 -35.12 -9.27
N SER B 14 18.03 -34.76 -9.56
CA SER B 14 16.88 -35.05 -8.70
C SER B 14 16.38 -36.48 -8.90
N PHE B 15 15.51 -36.94 -8.00
CA PHE B 15 14.87 -38.25 -8.20
C PHE B 15 13.99 -38.20 -9.46
N ASN B 16 13.41 -37.04 -9.73
CA ASN B 16 12.56 -36.86 -10.92
C ASN B 16 13.39 -36.93 -12.19
N ALA B 17 14.63 -36.49 -12.11
CA ALA B 17 15.54 -36.62 -13.23
C ALA B 17 15.80 -38.10 -13.46
N GLU B 18 15.96 -38.84 -12.37
CA GLU B 18 16.16 -40.29 -12.43
C GLU B 18 14.95 -40.97 -13.12
N ILE B 19 13.75 -40.55 -12.76
CA ILE B 19 12.53 -41.05 -13.39
C ILE B 19 12.51 -40.76 -14.90
N LEU B 20 13.01 -39.59 -15.29
CA LEU B 20 13.12 -39.23 -16.71
C LEU B 20 14.03 -40.20 -17.48
N LYS B 21 15.17 -40.52 -16.90
CA LYS B 21 16.13 -41.44 -17.49
C LYS B 21 15.51 -42.81 -17.71
N GLN B 22 14.83 -43.33 -16.69
CA GLN B 22 14.16 -44.62 -16.78
C GLN B 22 13.22 -44.71 -17.99
N VAL B 23 12.39 -43.69 -18.13
CA VAL B 23 11.44 -43.61 -19.25
C VAL B 23 12.16 -43.55 -20.59
N GLN B 24 13.07 -42.58 -20.75
CA GLN B 24 13.86 -42.46 -21.98
C GLN B 24 14.56 -43.77 -22.36
N THR B 25 15.26 -44.39 -21.41
CA THR B 25 16.01 -45.62 -21.69
C THR B 25 15.12 -46.83 -21.99
N ASN B 26 13.93 -46.89 -21.39
CA ASN B 26 13.04 -48.05 -21.56
C ASN B 26 11.98 -47.93 -22.66
N LEU B 27 11.85 -46.75 -23.26
CA LEU B 27 10.91 -46.55 -24.37
C LEU B 27 11.39 -47.24 -25.64
N SER B 28 10.54 -48.09 -26.21
CA SER B 28 10.92 -48.87 -27.40
C SER B 28 11.54 -47.97 -28.48
N LYS B 29 12.40 -48.55 -29.30
CA LYS B 29 13.05 -47.78 -30.36
C LYS B 29 12.12 -47.64 -31.55
N GLU B 30 10.96 -48.28 -31.48
CA GLU B 30 9.89 -48.09 -32.47
C GLU B 30 9.17 -46.75 -32.29
N HIS B 31 9.26 -46.17 -31.10
CA HIS B 31 8.65 -44.88 -30.84
C HIS B 31 9.59 -43.76 -31.31
N THR B 32 9.03 -42.62 -31.69
CA THR B 32 9.82 -41.42 -31.89
C THR B 32 9.58 -40.51 -30.68
N VAL B 33 10.65 -40.14 -29.99
CA VAL B 33 10.52 -39.52 -28.68
C VAL B 33 11.17 -38.15 -28.65
N SER B 34 10.42 -37.16 -28.18
CA SER B 34 11.01 -35.86 -27.89
C SER B 34 10.79 -35.56 -26.42
N THR B 35 11.81 -35.02 -25.75
CA THR B 35 11.64 -34.59 -24.38
C THR B 35 11.60 -33.07 -24.29
N LEU B 36 10.62 -32.59 -23.55
CA LEU B 36 10.48 -31.17 -23.29
C LEU B 36 10.80 -30.92 -21.81
N ASP B 37 12.00 -30.41 -21.55
CA ASP B 37 12.47 -30.04 -20.22
C ASP B 37 12.13 -28.60 -19.97
N LEU B 38 11.03 -28.36 -19.26
CA LEU B 38 10.51 -27.02 -19.05
C LEU B 38 11.52 -26.05 -18.41
N TYR B 39 12.23 -26.53 -17.40
CA TYR B 39 13.22 -25.71 -16.72
C TYR B 39 14.41 -25.40 -17.62
N ALA B 40 14.85 -26.39 -18.40
CA ALA B 40 16.01 -26.17 -19.27
C ALA B 40 15.63 -25.26 -20.42
N GLU B 41 14.37 -25.33 -20.82
CA GLU B 41 13.82 -24.49 -21.88
C GLU B 41 13.66 -23.04 -21.47
N HIS B 42 13.86 -22.77 -20.18
CA HIS B 42 13.52 -21.48 -19.57
C HIS B 42 12.12 -21.05 -19.95
N PHE B 43 11.20 -22.02 -19.88
CA PHE B 43 9.81 -21.77 -20.22
C PHE B 43 9.23 -20.70 -19.30
N ASP B 44 8.54 -19.73 -19.92
CA ASP B 44 7.84 -18.66 -19.22
C ASP B 44 6.39 -19.07 -18.97
N PRO B 45 6.05 -19.34 -17.71
CA PRO B 45 4.73 -19.91 -17.37
C PRO B 45 3.63 -18.87 -17.18
N VAL B 46 3.96 -17.59 -17.30
CA VAL B 46 3.00 -16.54 -16.99
C VAL B 46 2.15 -16.14 -18.20
N LEU B 47 0.88 -16.53 -18.16
CA LEU B 47 -0.08 -16.21 -19.20
C LEU B 47 -0.48 -14.74 -19.15
N GLN B 48 -0.39 -14.05 -20.29
CA GLN B 48 -0.75 -12.64 -20.39
C GLN B 48 -1.77 -12.38 -21.50
N PHE B 49 -2.87 -11.70 -21.15
CA PHE B 49 -3.82 -11.20 -22.14
C PHE B 49 -4.41 -9.88 -21.65
N ASN B 50 -4.88 -9.07 -22.60
CA ASN B 50 -5.42 -7.74 -22.34
C ASN B 50 -6.31 -7.33 -23.48
N GLU B 51 -6.58 -6.04 -23.56
CA GLU B 51 -7.31 -5.49 -24.70
C GLU B 51 -6.31 -5.29 -25.84
N THR B 52 -5.06 -5.04 -25.48
CA THR B 52 -3.98 -4.97 -26.45
C THR B 52 -3.75 -6.36 -27.05
N HIS B 53 -3.55 -7.34 -26.17
CA HIS B 53 -3.38 -8.72 -26.62
C HIS B 53 -4.51 -9.60 -26.13
N LYS B 54 -5.47 -9.87 -27.02
CA LYS B 54 -6.73 -10.48 -26.63
C LYS B 54 -6.65 -11.99 -26.35
N ARG B 55 -7.32 -12.38 -25.28
CA ARG B 55 -7.46 -13.77 -24.88
C ARG B 55 -7.84 -14.64 -26.07
N ARG B 56 -8.79 -14.15 -26.86
CA ARG B 56 -9.30 -14.85 -28.02
C ARG B 56 -8.18 -15.36 -28.94
N ASP B 57 -7.09 -14.60 -29.03
CA ASP B 57 -6.00 -14.91 -29.94
C ASP B 57 -4.80 -15.57 -29.27
N LEU B 58 -5.00 -16.13 -28.09
CA LEU B 58 -3.93 -16.83 -27.37
C LEU B 58 -3.45 -18.05 -28.16
N ALA B 59 -4.33 -18.55 -29.03
CA ALA B 59 -4.02 -19.71 -29.87
C ALA B 59 -2.96 -19.39 -30.93
N LYS B 60 -2.72 -18.10 -31.18
CA LYS B 60 -1.77 -17.69 -32.21
C LYS B 60 -0.54 -16.96 -31.65
N VAL B 61 -0.39 -16.98 -30.32
CA VAL B 61 0.81 -16.39 -29.70
C VAL B 61 2.12 -17.06 -30.20
N ALA B 62 2.96 -16.24 -30.85
CA ALA B 62 4.20 -16.68 -31.50
C ALA B 62 5.18 -17.49 -30.64
N GLU B 63 5.45 -17.02 -29.42
CA GLU B 63 6.41 -17.68 -28.53
C GLU B 63 6.01 -19.12 -28.17
N MET B 64 4.70 -19.37 -28.14
CA MET B 64 4.16 -20.67 -27.76
C MET B 64 3.97 -21.65 -28.92
N GLU B 65 4.28 -21.22 -30.14
CA GLU B 65 4.06 -22.07 -31.30
C GLU B 65 4.82 -23.39 -31.24
N LYS B 66 6.08 -23.33 -30.85
CA LYS B 66 6.90 -24.55 -30.74
C LYS B 66 6.24 -25.59 -29.85
N TYR B 67 5.56 -25.12 -28.81
CA TYR B 67 4.98 -26.02 -27.80
C TYR B 67 3.64 -26.56 -28.25
N ARG B 68 2.87 -25.71 -28.92
CA ARG B 68 1.68 -26.15 -29.62
C ARG B 68 2.03 -27.22 -30.64
N ASP B 69 3.10 -26.99 -31.39
CA ASP B 69 3.53 -27.93 -32.45
C ASP B 69 3.95 -29.28 -31.86
N LEU B 70 4.67 -29.25 -30.74
CA LEU B 70 5.06 -30.46 -30.01
C LEU B 70 3.84 -31.27 -29.51
N VAL B 71 2.86 -30.57 -28.96
CA VAL B 71 1.64 -31.23 -28.51
C VAL B 71 0.83 -31.86 -29.66
N THR B 72 0.67 -31.13 -30.77
CA THR B 72 -0.11 -31.62 -31.93
C THR B 72 0.55 -32.85 -32.58
N TRP B 73 1.87 -32.83 -32.61
CA TRP B 73 2.67 -33.91 -33.18
C TRP B 73 2.55 -35.20 -32.35
N ALA B 74 2.56 -35.08 -31.03
CA ALA B 74 2.55 -36.26 -30.15
C ALA B 74 1.27 -37.10 -30.21
N ASP B 75 1.43 -38.40 -30.03
CA ASP B 75 0.32 -39.35 -29.91
C ASP B 75 0.08 -39.69 -28.45
N HIS B 76 1.14 -39.61 -27.64
CA HIS B 76 1.11 -40.00 -26.24
C HIS B 76 1.99 -39.01 -25.50
N LEU B 77 1.43 -38.38 -24.47
CA LEU B 77 2.15 -37.44 -23.60
C LEU B 77 2.49 -38.09 -22.24
N ILE B 78 3.75 -37.98 -21.83
CA ILE B 78 4.17 -38.45 -20.51
C ILE B 78 4.59 -37.25 -19.67
N PHE B 79 3.86 -36.98 -18.59
CA PHE B 79 4.19 -35.90 -17.66
C PHE B 79 4.97 -36.45 -16.47
N ILE B 80 6.11 -35.83 -16.16
CA ILE B 80 6.91 -36.19 -14.99
C ILE B 80 7.10 -34.94 -14.12
N PHE B 81 6.64 -34.99 -12.86
CA PHE B 81 6.77 -33.83 -11.95
C PHE B 81 6.51 -34.17 -10.48
N PRO B 82 7.17 -33.44 -9.56
CA PRO B 82 6.83 -33.57 -8.13
C PRO B 82 5.53 -32.84 -7.80
N ILE B 83 4.79 -33.35 -6.82
CA ILE B 83 3.67 -32.61 -6.24
C ILE B 83 4.20 -31.46 -5.36
N TRP B 84 3.97 -30.22 -5.79
CA TRP B 84 4.24 -29.06 -4.93
C TRP B 84 2.94 -28.41 -4.51
N TRP B 85 2.64 -28.44 -3.21
CA TRP B 85 1.40 -27.88 -2.71
C TRP B 85 0.22 -28.49 -3.47
N SER B 86 0.12 -29.81 -3.37
CA SER B 86 -1.00 -30.58 -3.92
C SER B 86 -1.05 -30.57 -5.43
N GLY B 87 -0.10 -29.89 -6.07
CA GLY B 87 -0.22 -29.66 -7.50
C GLY B 87 1.04 -29.61 -8.35
N MET B 88 0.82 -29.37 -9.64
CA MET B 88 1.91 -29.15 -10.58
C MET B 88 2.68 -27.90 -10.16
N PRO B 89 4.02 -27.98 -10.21
CA PRO B 89 4.89 -26.80 -10.05
C PRO B 89 4.44 -25.70 -10.99
N ALA B 90 4.75 -24.46 -10.64
CA ALA B 90 4.25 -23.30 -11.37
C ALA B 90 4.58 -23.30 -12.87
N ILE B 91 5.82 -23.66 -13.21
CA ILE B 91 6.25 -23.70 -14.61
C ILE B 91 5.39 -24.66 -15.46
N LEU B 92 4.93 -25.76 -14.84
CA LEU B 92 4.10 -26.76 -15.51
C LEU B 92 2.62 -26.37 -15.51
N LYS B 93 2.17 -25.73 -14.44
CA LYS B 93 0.83 -25.14 -14.42
C LYS B 93 0.69 -24.13 -15.57
N GLY B 94 1.71 -23.30 -15.76
CA GLY B 94 1.71 -22.30 -16.80
C GLY B 94 1.93 -22.84 -18.21
N PHE B 95 2.53 -24.03 -18.31
CA PHE B 95 2.62 -24.71 -19.59
C PHE B 95 1.20 -25.00 -20.07
N ILE B 96 0.36 -25.50 -19.17
CA ILE B 96 -1.06 -25.73 -19.44
C ILE B 96 -1.78 -24.42 -19.73
N ASP B 97 -1.70 -23.48 -18.78
CA ASP B 97 -2.31 -22.16 -18.92
C ASP B 97 -2.07 -21.58 -20.31
N ARG B 98 -0.82 -21.62 -20.77
CA ARG B 98 -0.40 -20.91 -21.97
C ARG B 98 -0.53 -21.71 -23.26
N VAL B 99 -0.38 -23.03 -23.18
CA VAL B 99 -0.37 -23.88 -24.38
C VAL B 99 -1.71 -24.53 -24.64
N PHE B 100 -2.41 -24.93 -23.59
CA PHE B 100 -3.71 -25.57 -23.78
C PHE B 100 -4.83 -24.53 -23.87
N VAL B 101 -4.84 -23.78 -24.97
CA VAL B 101 -5.78 -22.66 -25.08
C VAL B 101 -6.96 -22.99 -25.99
N ALA B 102 -8.08 -22.29 -25.77
CA ALA B 102 -9.27 -22.44 -26.59
C ALA B 102 -8.89 -22.35 -28.07
N ASP B 103 -9.59 -23.13 -28.89
CA ASP B 103 -9.34 -23.19 -30.32
C ASP B 103 -8.09 -23.99 -30.70
N PHE B 104 -7.29 -24.36 -29.69
CA PHE B 104 -6.21 -25.31 -29.89
C PHE B 104 -6.49 -26.64 -29.17
N ALA B 105 -6.63 -26.59 -27.84
CA ALA B 105 -6.79 -27.79 -27.01
C ALA B 105 -8.25 -28.17 -26.82
N TYR B 106 -9.12 -27.19 -26.93
CA TYR B 106 -10.55 -27.37 -26.74
C TYR B 106 -11.22 -26.19 -27.36
N SER B 107 -12.55 -26.22 -27.43
CA SER B 107 -13.31 -25.05 -27.84
C SER B 107 -14.60 -25.02 -27.02
N TYR B 108 -15.24 -23.85 -27.01
CA TYR B 108 -16.49 -23.67 -26.26
C TYR B 108 -17.71 -24.06 -27.09
N LYS B 109 -18.53 -24.93 -26.54
CA LYS B 109 -19.78 -25.33 -27.20
C LYS B 109 -20.98 -24.84 -26.39
N LYS B 110 -22.17 -25.23 -26.82
CA LYS B 110 -23.41 -24.80 -26.18
C LYS B 110 -23.31 -24.74 -24.65
N VAL B 111 -22.76 -25.80 -24.06
CA VAL B 111 -22.85 -26.00 -22.61
C VAL B 111 -21.50 -26.06 -21.87
N GLY B 112 -20.59 -26.89 -22.34
CA GLY B 112 -19.29 -27.01 -21.70
C GLY B 112 -18.11 -26.85 -22.65
N LEU B 113 -17.18 -27.80 -22.60
CA LEU B 113 -16.05 -27.82 -23.52
C LEU B 113 -16.19 -28.92 -24.55
N GLU B 114 -15.62 -28.68 -25.73
CA GLU B 114 -15.40 -29.72 -26.73
C GLU B 114 -13.89 -29.92 -26.90
N GLY B 115 -13.43 -31.15 -26.68
CA GLY B 115 -12.01 -31.44 -26.77
C GLY B 115 -11.53 -31.47 -28.19
N HIS B 116 -10.26 -31.08 -28.39
CA HIS B 116 -9.67 -31.05 -29.73
C HIS B 116 -8.43 -31.93 -29.86
N LEU B 117 -7.89 -32.38 -28.73
CA LEU B 117 -6.68 -33.20 -28.74
C LEU B 117 -7.05 -34.69 -28.71
N GLN B 118 -8.17 -35.06 -29.32
CA GLN B 118 -8.56 -36.46 -29.31
C GLN B 118 -7.58 -37.28 -30.12
N GLY B 119 -7.59 -38.59 -29.92
CA GLY B 119 -6.65 -39.48 -30.57
C GLY B 119 -5.35 -39.53 -29.79
N LYS B 120 -5.29 -38.75 -28.72
CA LYS B 120 -4.08 -38.60 -27.91
C LYS B 120 -4.30 -39.26 -26.54
N SER B 121 -3.27 -39.91 -26.03
CA SER B 121 -3.30 -40.47 -24.67
C SER B 121 -2.17 -39.88 -23.82
N ALA B 122 -2.22 -40.13 -22.51
CA ALA B 122 -1.18 -39.62 -21.62
C ALA B 122 -0.90 -40.52 -20.42
N TRP B 123 0.26 -40.33 -19.84
CA TRP B 123 0.69 -41.02 -18.65
C TRP B 123 1.26 -39.96 -17.71
N ILE B 124 0.79 -39.96 -16.46
CA ILE B 124 1.27 -39.01 -15.46
C ILE B 124 2.06 -39.74 -14.39
N ILE B 125 3.30 -39.34 -14.17
CA ILE B 125 4.10 -39.88 -13.09
C ILE B 125 4.38 -38.78 -12.06
N THR B 126 3.80 -38.92 -10.86
CA THR B 126 3.94 -37.93 -9.81
C THR B 126 4.71 -38.49 -8.63
N THR B 127 5.55 -37.67 -8.02
CA THR B 127 6.16 -38.02 -6.74
C THR B 127 5.65 -37.12 -5.61
N HIS B 128 5.52 -37.69 -4.42
CA HIS B 128 5.18 -36.88 -3.25
C HIS B 128 5.48 -37.61 -1.95
N ASN B 129 5.32 -36.94 -0.82
CA ASN B 129 5.68 -37.51 0.47
C ASN B 129 4.46 -37.82 1.36
N THR B 130 3.28 -37.88 0.77
CA THR B 130 2.07 -38.24 1.50
C THR B 130 1.82 -39.74 1.42
N PRO B 131 1.48 -40.37 2.55
CA PRO B 131 1.22 -41.81 2.60
C PRO B 131 0.04 -42.21 1.72
N SER B 132 0.01 -43.48 1.34
CA SER B 132 -0.97 -43.97 0.38
C SER B 132 -2.38 -44.00 0.94
N PHE B 133 -2.52 -44.29 2.22
CA PHE B 133 -3.85 -44.35 2.85
C PHE B 133 -4.52 -42.98 2.84
N ALA B 134 -3.70 -41.95 3.00
CA ALA B 134 -4.15 -40.57 3.10
C ALA B 134 -4.76 -40.07 1.79
N MET B 135 -4.44 -40.75 0.70
CA MET B 135 -4.69 -40.24 -0.64
C MET B 135 -6.16 -40.10 -1.06
N PRO B 136 -7.05 -40.97 -0.55
CA PRO B 136 -8.48 -40.76 -0.83
C PRO B 136 -8.99 -39.44 -0.22
N PHE B 137 -8.34 -39.00 0.86
CA PHE B 137 -8.76 -37.82 1.61
C PHE B 137 -8.04 -36.51 1.20
N VAL B 138 -7.43 -36.47 0.02
CA VAL B 138 -6.74 -35.27 -0.45
C VAL B 138 -7.23 -34.76 -1.81
N GLN B 139 -7.09 -33.46 -2.01
CA GLN B 139 -7.44 -32.77 -3.25
C GLN B 139 -6.28 -32.78 -4.23
N ASP B 140 -6.60 -32.91 -5.52
CA ASP B 140 -5.61 -32.86 -6.61
C ASP B 140 -4.59 -34.00 -6.56
N TYR B 141 -3.34 -33.68 -6.27
CA TYR B 141 -2.29 -34.70 -6.22
C TYR B 141 -2.21 -35.48 -7.54
N GLY B 142 -2.34 -34.77 -8.66
CA GLY B 142 -2.30 -35.37 -9.97
C GLY B 142 -3.68 -35.54 -10.59
N LYS B 143 -4.70 -35.53 -9.75
CA LYS B 143 -6.06 -35.78 -10.23
C LYS B 143 -6.66 -34.60 -11.02
N VAL B 144 -6.22 -33.38 -10.74
CA VAL B 144 -6.68 -32.23 -11.51
C VAL B 144 -6.16 -32.30 -12.95
N LEU B 145 -4.87 -32.53 -13.12
CA LEU B 145 -4.31 -32.67 -14.46
C LEU B 145 -5.04 -33.77 -15.23
N LYS B 146 -5.23 -34.91 -14.58
CA LYS B 146 -5.85 -36.05 -15.23
C LYS B 146 -7.32 -35.78 -15.51
N LYS B 147 -8.07 -35.53 -14.43
CA LYS B 147 -9.52 -35.51 -14.47
C LYS B 147 -10.11 -34.21 -15.03
N GLN B 148 -9.42 -33.10 -14.80
CA GLN B 148 -10.00 -31.80 -15.09
C GLN B 148 -9.18 -30.94 -16.07
N ILE B 149 -8.09 -31.51 -16.59
CA ILE B 149 -7.29 -30.85 -17.62
C ILE B 149 -7.14 -31.67 -18.90
N LEU B 150 -6.56 -32.86 -18.79
CA LEU B 150 -6.29 -33.71 -19.95
C LEU B 150 -7.55 -34.34 -20.50
N LYS B 151 -8.38 -34.89 -19.62
CA LYS B 151 -9.65 -35.50 -20.04
C LYS B 151 -10.59 -34.54 -20.80
N PRO B 152 -10.90 -33.36 -20.23
CA PRO B 152 -11.73 -32.37 -20.94
C PRO B 152 -11.19 -31.98 -22.33
N CYS B 153 -9.89 -32.15 -22.57
CA CYS B 153 -9.31 -31.83 -23.87
C CYS B 153 -9.35 -32.99 -24.88
N ALA B 154 -10.01 -34.08 -24.49
CA ALA B 154 -10.26 -35.25 -25.35
C ALA B 154 -9.10 -36.26 -25.38
N ILE B 155 -8.11 -36.02 -24.51
CA ILE B 155 -6.98 -36.92 -24.34
C ILE B 155 -7.41 -38.12 -23.47
N SER B 156 -7.43 -39.31 -24.08
CA SER B 156 -7.82 -40.53 -23.35
C SER B 156 -7.15 -41.79 -23.91
N PRO B 157 -6.73 -42.71 -23.03
CA PRO B 157 -6.86 -42.61 -21.57
C PRO B 157 -5.70 -41.87 -20.95
N VAL B 158 -5.79 -41.66 -19.65
CA VAL B 158 -4.73 -41.03 -18.88
C VAL B 158 -4.45 -41.91 -17.68
N LYS B 159 -3.27 -42.52 -17.67
CA LYS B 159 -2.82 -43.32 -16.53
C LYS B 159 -2.12 -42.43 -15.51
N LEU B 160 -2.53 -42.53 -14.24
CA LEU B 160 -1.87 -41.76 -13.18
C LEU B 160 -1.10 -42.67 -12.21
N THR B 161 0.21 -42.46 -12.16
CA THR B 161 1.12 -43.24 -11.34
C THR B 161 1.72 -42.34 -10.26
N GLU B 162 1.34 -42.57 -9.01
CA GLU B 162 1.89 -41.82 -7.88
C GLU B 162 2.96 -42.63 -7.16
N LEU B 163 4.14 -42.04 -6.97
CA LEU B 163 5.13 -42.65 -6.09
C LEU B 163 5.04 -41.92 -4.75
N THR B 164 4.47 -42.59 -3.75
CA THR B 164 4.07 -41.96 -2.49
C THR B 164 5.10 -42.17 -1.37
N SER B 165 4.92 -41.45 -0.26
CA SER B 165 5.86 -41.44 0.86
C SER B 165 7.29 -41.40 0.35
N ILE B 166 7.55 -40.59 -0.66
CA ILE B 166 8.76 -40.73 -1.50
C ILE B 166 10.06 -40.33 -0.80
N GLU B 167 9.96 -39.52 0.25
CA GLU B 167 11.14 -39.14 1.02
C GLU B 167 11.29 -39.97 2.30
N LYS B 168 10.18 -40.50 2.78
CA LYS B 168 10.17 -41.29 4.00
C LYS B 168 10.78 -42.67 3.79
N ILE B 169 10.60 -43.21 2.58
CA ILE B 169 11.12 -44.54 2.25
C ILE B 169 12.63 -44.55 1.99
N SER B 170 13.20 -45.74 1.82
CA SER B 170 14.63 -45.93 1.64
C SER B 170 15.07 -45.90 0.17
N ASP B 171 16.37 -45.74 -0.04
CA ASP B 171 16.94 -45.78 -1.39
C ASP B 171 16.49 -47.07 -2.07
N ASP B 172 16.68 -48.17 -1.36
CA ASP B 172 16.20 -49.47 -1.76
C ASP B 172 14.79 -49.41 -2.35
N GLU B 173 13.85 -48.88 -1.56
CA GLU B 173 12.44 -48.75 -1.95
C GLU B 173 12.26 -47.87 -3.20
N ARG B 174 13.03 -46.79 -3.29
CA ARG B 174 12.97 -45.91 -4.46
C ARG B 174 13.53 -46.60 -5.70
N GLN B 175 14.50 -47.49 -5.53
CA GLN B 175 15.02 -48.27 -6.64
C GLN B 175 13.92 -49.18 -7.19
N LYS B 176 13.09 -49.71 -6.30
CA LYS B 176 12.02 -50.61 -6.72
C LYS B 176 10.96 -49.86 -7.51
N LEU B 177 10.64 -48.65 -7.05
CA LEU B 177 9.71 -47.77 -7.74
C LEU B 177 10.28 -47.36 -9.10
N LEU B 178 11.60 -47.17 -9.17
CA LEU B 178 12.23 -46.92 -10.47
C LEU B 178 12.09 -48.11 -11.41
N HIS B 179 12.28 -49.32 -10.88
CA HIS B 179 12.14 -50.55 -11.67
C HIS B 179 10.73 -50.71 -12.23
N LYS B 180 9.71 -50.40 -11.44
CA LYS B 180 8.33 -50.50 -11.93
C LYS B 180 8.05 -49.47 -13.02
N VAL B 181 8.60 -48.27 -12.87
CA VAL B 181 8.44 -47.25 -13.90
C VAL B 181 9.07 -47.70 -15.24
N ALA B 182 10.27 -48.27 -15.17
CA ALA B 182 10.92 -48.86 -16.34
C ALA B 182 10.02 -49.95 -16.93
N GLN B 183 9.50 -50.80 -16.05
CA GLN B 183 8.66 -51.92 -16.44
C GLN B 183 7.45 -51.45 -17.22
N ILE B 184 6.65 -50.58 -16.59
CA ILE B 184 5.51 -49.95 -17.24
C ILE B 184 5.85 -49.29 -18.58
N THR B 185 6.94 -48.52 -18.62
CA THR B 185 7.40 -47.87 -19.84
C THR B 185 7.59 -48.90 -20.95
N ARG B 186 8.25 -50.00 -20.63
CA ARG B 186 8.50 -51.09 -21.57
C ARG B 186 7.23 -51.63 -22.24
N ASN B 187 6.17 -51.79 -21.46
CA ASN B 187 4.97 -52.47 -21.93
C ASN B 187 3.95 -51.51 -22.56
N ILE B 188 4.41 -50.49 -23.28
CA ILE B 188 3.49 -49.55 -23.90
C ILE B 188 3.20 -49.95 -25.36
N MET C 1 13.80 -1.17 -0.13
CA MET C 1 13.44 -0.47 1.09
C MET C 1 11.93 -0.19 1.17
N LYS C 2 11.44 0.09 2.37
CA LYS C 2 10.02 0.35 2.61
C LYS C 2 9.74 1.84 2.53
N ILE C 3 8.87 2.23 1.60
CA ILE C 3 8.65 3.64 1.32
C ILE C 3 7.24 4.05 1.71
N LEU C 4 7.14 5.08 2.54
CA LEU C 4 5.84 5.60 2.94
C LEU C 4 5.59 6.92 2.24
N ILE C 5 4.57 6.94 1.38
CA ILE C 5 4.19 8.16 0.68
C ILE C 5 3.05 8.84 1.42
N VAL C 6 3.36 9.97 2.06
CA VAL C 6 2.36 10.81 2.71
C VAL C 6 1.90 11.88 1.72
N TYR C 7 0.67 11.74 1.23
CA TYR C 7 0.12 12.61 0.20
C TYR C 7 -0.99 13.50 0.79
N THR C 8 -0.97 14.78 0.44
CA THR C 8 -1.88 15.74 1.03
C THR C 8 -2.47 16.68 -0.03
N HIS C 9 -3.69 16.37 -0.48
CA HIS C 9 -4.46 17.24 -1.36
C HIS C 9 -5.93 16.81 -1.37
N PRO C 10 -6.86 17.79 -1.27
CA PRO C 10 -8.31 17.54 -1.24
C PRO C 10 -8.92 17.01 -2.53
N ASN C 11 -8.30 17.33 -3.67
CA ASN C 11 -8.84 17.04 -5.00
C ASN C 11 -8.08 15.93 -5.74
N PRO C 12 -8.75 14.79 -6.00
CA PRO C 12 -8.08 13.65 -6.62
C PRO C 12 -7.77 13.88 -8.10
N THR C 13 -8.25 14.97 -8.68
CA THR C 13 -7.84 15.32 -10.05
C THR C 13 -6.85 16.49 -10.07
N SER C 14 -6.24 16.76 -8.94
CA SER C 14 -5.27 17.85 -8.85
C SER C 14 -3.99 17.49 -9.59
N PHE C 15 -3.13 18.49 -9.74
CA PHE C 15 -1.80 18.27 -10.26
C PHE C 15 -1.03 17.44 -9.24
N ASN C 16 -1.30 17.68 -7.96
CA ASN C 16 -0.64 16.92 -6.89
C ASN C 16 -0.99 15.44 -6.97
N ALA C 17 -2.26 15.16 -7.28
CA ALA C 17 -2.73 13.80 -7.54
C ALA C 17 -1.90 13.18 -8.66
N GLU C 18 -1.58 13.97 -9.68
CA GLU C 18 -0.74 13.53 -10.78
C GLU C 18 0.71 13.30 -10.33
N ILE C 19 1.22 14.15 -9.44
CA ILE C 19 2.56 13.98 -8.86
C ILE C 19 2.64 12.65 -8.09
N LEU C 20 1.59 12.33 -7.36
CA LEU C 20 1.46 11.04 -6.67
C LEU C 20 1.51 9.88 -7.65
N LYS C 21 0.78 10.00 -8.76
CA LYS C 21 0.78 8.94 -9.77
C LYS C 21 2.20 8.74 -10.35
N GLN C 22 2.81 9.82 -10.82
CA GLN C 22 4.17 9.76 -11.32
C GLN C 22 5.14 9.12 -10.32
N VAL C 23 4.98 9.42 -9.03
CA VAL C 23 5.83 8.81 -8.00
C VAL C 23 5.54 7.32 -7.83
N GLN C 24 4.27 6.97 -7.63
CA GLN C 24 3.90 5.59 -7.42
C GLN C 24 4.31 4.70 -8.59
N THR C 25 3.97 5.11 -9.81
CA THR C 25 4.24 4.26 -10.97
C THR C 25 5.74 4.08 -11.32
N ASN C 26 6.60 4.94 -10.76
CA ASN C 26 8.03 4.96 -11.10
C ASN C 26 8.99 4.43 -10.01
N LEU C 27 8.45 4.15 -8.83
CA LEU C 27 9.24 3.54 -7.77
C LEU C 27 9.60 2.11 -8.16
N SER C 28 10.87 1.74 -7.94
CA SER C 28 11.33 0.40 -8.24
C SER C 28 10.44 -0.66 -7.59
N LYS C 29 10.13 -1.71 -8.35
CA LYS C 29 9.33 -2.83 -7.85
C LYS C 29 10.01 -3.52 -6.66
N GLU C 30 11.30 -3.28 -6.48
CA GLU C 30 12.04 -3.88 -5.38
C GLU C 30 11.64 -3.27 -4.04
N HIS C 31 11.06 -2.08 -4.09
CA HIS C 31 10.61 -1.41 -2.88
C HIS C 31 9.25 -1.97 -2.45
N THR C 32 8.90 -1.76 -1.18
CA THR C 32 7.55 -2.02 -0.69
C THR C 32 6.96 -0.64 -0.42
N VAL C 33 5.92 -0.28 -1.16
CA VAL C 33 5.40 1.07 -1.07
C VAL C 33 4.05 1.09 -0.38
N SER C 34 3.90 1.99 0.59
CA SER C 34 2.60 2.27 1.18
C SER C 34 2.25 3.75 0.96
N THR C 35 1.03 4.02 0.50
CA THR C 35 0.59 5.38 0.30
C THR C 35 -0.46 5.80 1.35
N LEU C 36 -0.17 6.88 2.05
CA LEU C 36 -1.08 7.43 3.05
C LEU C 36 -1.69 8.72 2.51
N ASP C 37 -2.91 8.61 2.02
CA ASP C 37 -3.71 9.73 1.58
C ASP C 37 -4.41 10.31 2.80
N LEU C 38 -3.93 11.43 3.32
CA LEU C 38 -4.49 11.99 4.55
C LEU C 38 -5.96 12.40 4.41
N TYR C 39 -6.32 13.02 3.29
CA TYR C 39 -7.70 13.40 3.09
C TYR C 39 -8.62 12.18 3.02
N ALA C 40 -8.17 11.16 2.30
CA ALA C 40 -8.95 9.93 2.09
C ALA C 40 -9.19 9.18 3.39
N GLU C 41 -8.19 9.20 4.27
CA GLU C 41 -8.32 8.54 5.57
C GLU C 41 -9.08 9.39 6.56
N HIS C 42 -9.56 10.54 6.09
CA HIS C 42 -10.29 11.48 6.94
C HIS C 42 -9.52 11.72 8.21
N PHE C 43 -8.20 11.83 8.07
CA PHE C 43 -7.32 12.02 9.21
C PHE C 43 -7.73 13.26 10.01
N ASP C 44 -7.86 13.10 11.32
CA ASP C 44 -8.20 14.18 12.24
C ASP C 44 -6.93 14.85 12.75
N PRO C 45 -6.58 16.03 12.18
CA PRO C 45 -5.31 16.69 12.46
C PRO C 45 -5.26 17.41 13.81
N VAL C 46 -6.36 17.40 14.56
CA VAL C 46 -6.47 18.18 15.81
C VAL C 46 -5.97 17.46 17.07
N LEU C 47 -4.81 17.87 17.54
CA LEU C 47 -4.18 17.31 18.74
C LEU C 47 -4.93 17.76 20.00
N GLN C 48 -5.30 16.81 20.83
CA GLN C 48 -5.99 17.07 22.10
C GLN C 48 -5.12 16.62 23.26
N PHE C 49 -5.14 17.41 24.32
CA PHE C 49 -4.61 16.95 25.61
C PHE C 49 -5.05 17.91 26.71
N ASN C 50 -5.05 17.41 27.94
CA ASN C 50 -5.50 18.20 29.09
C ASN C 50 -5.20 17.48 30.39
N GLU C 51 -6.02 17.75 31.40
CA GLU C 51 -5.85 17.15 32.71
C GLU C 51 -6.23 15.67 32.67
N THR C 52 -7.37 15.37 32.06
CA THR C 52 -7.85 14.00 31.93
C THR C 52 -6.96 13.16 31.00
N HIS C 53 -6.88 13.55 29.74
CA HIS C 53 -5.99 12.86 28.80
C HIS C 53 -4.64 13.58 28.67
N LYS C 54 -3.66 13.05 29.39
CA LYS C 54 -2.41 13.75 29.62
C LYS C 54 -1.57 13.89 28.36
N ARG C 55 -0.88 15.01 28.26
CA ARG C 55 0.05 15.23 27.16
C ARG C 55 1.13 14.15 27.20
N ARG C 56 1.50 13.75 28.42
CA ARG C 56 2.55 12.75 28.63
C ARG C 56 2.26 11.39 27.98
N ASP C 57 1.00 11.14 27.64
CA ASP C 57 0.59 9.84 27.10
C ASP C 57 0.30 9.86 25.59
N LEU C 58 0.84 10.86 24.90
CA LEU C 58 0.52 11.05 23.48
C LEU C 58 1.03 9.91 22.59
N ALA C 59 2.18 9.35 22.94
CA ALA C 59 2.77 8.26 22.17
C ALA C 59 1.98 6.97 22.39
N LYS C 60 1.00 7.03 23.27
CA LYS C 60 0.18 5.88 23.58
C LYS C 60 -1.26 6.03 23.10
N VAL C 61 -1.60 7.20 22.53
CA VAL C 61 -2.94 7.43 22.00
C VAL C 61 -3.26 6.32 20.98
N ALA C 62 -4.35 5.59 21.22
CA ALA C 62 -4.70 4.46 20.37
C ALA C 62 -4.95 4.85 18.90
N GLU C 63 -5.68 5.95 18.69
CA GLU C 63 -6.05 6.45 17.35
C GLU C 63 -4.84 6.57 16.42
N MET C 64 -3.72 7.02 16.96
CA MET C 64 -2.55 7.32 16.15
C MET C 64 -1.61 6.13 15.94
N GLU C 65 -1.94 4.98 16.53
CA GLU C 65 -1.04 3.84 16.48
C GLU C 65 -0.76 3.35 15.07
N LYS C 66 -1.81 3.28 14.25
CA LYS C 66 -1.67 2.94 12.83
C LYS C 66 -0.60 3.81 12.17
N TYR C 67 -0.59 5.09 12.52
CA TYR C 67 0.31 6.05 11.87
C TYR C 67 1.72 6.06 12.46
N ARG C 68 1.83 5.96 13.77
CA ARG C 68 3.13 5.70 14.38
C ARG C 68 3.79 4.47 13.75
N ASP C 69 2.99 3.42 13.56
CA ASP C 69 3.53 2.16 13.04
C ASP C 69 3.97 2.30 11.58
N LEU C 70 3.20 3.01 10.76
CA LEU C 70 3.59 3.27 9.38
C LEU C 70 4.93 4.02 9.27
N VAL C 71 5.11 5.01 10.15
CA VAL C 71 6.36 5.76 10.17
C VAL C 71 7.53 4.93 10.70
N THR C 72 7.28 4.11 11.71
CA THR C 72 8.29 3.21 12.22
C THR C 72 8.74 2.24 11.13
N TRP C 73 7.76 1.71 10.41
CA TRP C 73 7.96 0.75 9.32
C TRP C 73 8.78 1.33 8.16
N ALA C 74 8.52 2.59 7.84
CA ALA C 74 9.16 3.24 6.70
C ALA C 74 10.68 3.43 6.82
N ASP C 75 11.37 3.32 5.69
CA ASP C 75 12.80 3.64 5.59
C ASP C 75 12.95 4.98 4.89
N HIS C 76 11.98 5.31 4.06
CA HIS C 76 11.99 6.52 3.26
C HIS C 76 10.59 7.10 3.27
N LEU C 77 10.48 8.37 3.67
CA LEU C 77 9.20 9.08 3.64
C LEU C 77 9.15 10.05 2.46
N ILE C 78 8.09 9.95 1.66
CA ILE C 78 7.88 10.90 0.56
C ILE C 78 6.64 11.77 0.78
N PHE C 79 6.87 13.06 1.06
CA PHE C 79 5.79 14.02 1.29
C PHE C 79 5.41 14.76 0.02
N ILE C 80 4.15 14.63 -0.39
CA ILE C 80 3.63 15.40 -1.52
C ILE C 80 2.55 16.37 -1.03
N PHE C 81 2.78 17.66 -1.22
CA PHE C 81 1.79 18.68 -0.86
C PHE C 81 1.96 20.03 -1.54
N PRO C 82 0.83 20.75 -1.77
CA PRO C 82 0.83 22.16 -2.14
C PRO C 82 1.25 23.06 -0.99
N ILE C 83 1.94 24.14 -1.31
CA ILE C 83 2.25 25.15 -0.31
C ILE C 83 0.96 25.93 -0.07
N TRP C 84 0.51 25.94 1.17
CA TRP C 84 -0.62 26.78 1.55
C TRP C 84 -0.19 27.74 2.65
N TRP C 85 -0.29 29.03 2.39
CA TRP C 85 0.13 30.03 3.36
C TRP C 85 1.52 29.70 3.90
N SER C 86 2.45 29.53 2.96
CA SER C 86 3.89 29.31 3.22
C SER C 86 4.32 27.90 3.61
N GLY C 87 3.38 27.01 3.93
CA GLY C 87 3.73 25.70 4.43
C GLY C 87 2.67 24.63 4.29
N MET C 88 2.68 23.68 5.23
CA MET C 88 1.85 22.49 5.13
C MET C 88 0.36 22.79 5.32
N PRO C 89 -0.49 22.22 4.47
CA PRO C 89 -1.93 22.24 4.73
C PRO C 89 -2.20 21.81 6.18
N ALA C 90 -3.22 22.39 6.81
CA ALA C 90 -3.53 22.08 8.21
C ALA C 90 -3.56 20.57 8.52
N ILE C 91 -4.13 19.77 7.62
CA ILE C 91 -4.28 18.32 7.83
C ILE C 91 -2.91 17.62 7.95
N LEU C 92 -1.95 18.09 7.16
CA LEU C 92 -0.57 17.58 7.21
C LEU C 92 0.21 18.10 8.41
N LYS C 93 0.05 19.39 8.72
CA LYS C 93 0.64 19.96 9.92
C LYS C 93 0.16 19.22 11.17
N GLY C 94 -1.11 18.79 11.16
CA GLY C 94 -1.69 18.05 12.26
C GLY C 94 -1.20 16.61 12.34
N PHE C 95 -0.96 16.01 11.18
CA PHE C 95 -0.34 14.69 11.12
C PHE C 95 0.97 14.68 11.90
N ILE C 96 1.78 15.73 11.73
CA ILE C 96 3.02 15.87 12.51
C ILE C 96 2.73 16.08 13.99
N ASP C 97 1.88 17.06 14.29
CA ASP C 97 1.46 17.36 15.67
C ASP C 97 1.08 16.09 16.42
N ARG C 98 0.22 15.27 15.81
CA ARG C 98 -0.36 14.11 16.48
C ARG C 98 0.47 12.81 16.42
N VAL C 99 1.22 12.62 15.34
CA VAL C 99 2.03 11.42 15.17
C VAL C 99 3.47 11.56 15.70
N PHE C 100 4.14 12.64 15.30
CA PHE C 100 5.53 12.88 15.69
C PHE C 100 5.63 13.43 17.11
N VAL C 101 5.28 12.63 18.11
CA VAL C 101 5.22 13.12 19.48
C VAL C 101 6.39 12.65 20.34
N ALA C 102 6.53 13.26 21.52
CA ALA C 102 7.62 12.96 22.43
C ALA C 102 7.64 11.49 22.74
N ASP C 103 8.85 10.92 22.69
CA ASP C 103 9.10 9.52 23.02
C ASP C 103 8.65 8.54 21.93
N PHE C 104 8.27 9.09 20.78
CA PHE C 104 8.09 8.26 19.60
C PHE C 104 9.01 8.74 18.48
N ALA C 105 8.96 10.04 18.17
CA ALA C 105 9.74 10.59 17.07
C ALA C 105 10.99 11.31 17.58
N TYR C 106 10.89 11.81 18.80
CA TYR C 106 11.94 12.60 19.43
C TYR C 106 11.71 12.52 20.95
N SER C 107 12.71 12.93 21.72
CA SER C 107 12.52 13.20 23.14
C SER C 107 13.49 14.28 23.59
N TYR C 108 13.34 14.74 24.83
CA TYR C 108 14.16 15.85 25.32
C TYR C 108 15.49 15.35 25.88
N LYS C 109 16.60 15.93 25.42
CA LYS C 109 17.92 15.58 25.94
C LYS C 109 18.18 16.39 27.21
N LYS C 110 19.39 16.27 27.75
CA LYS C 110 19.79 17.12 28.86
C LYS C 110 19.43 18.56 28.51
N VAL C 111 19.89 18.99 27.33
CA VAL C 111 19.68 20.35 26.86
C VAL C 111 18.75 20.43 25.64
N GLY C 112 18.98 19.60 24.61
CA GLY C 112 18.23 19.75 23.37
C GLY C 112 17.27 18.64 23.01
N LEU C 113 17.06 18.43 21.70
CA LEU C 113 16.23 17.32 21.23
C LEU C 113 17.08 16.11 20.82
N GLU C 114 16.51 14.92 21.02
CA GLU C 114 17.10 13.69 20.54
C GLU C 114 16.11 13.00 19.60
N GLY C 115 16.50 12.81 18.35
CA GLY C 115 15.61 12.17 17.39
C GLY C 115 15.62 10.67 17.54
N HIS C 116 14.48 10.03 17.29
CA HIS C 116 14.40 8.57 17.37
C HIS C 116 14.01 7.95 16.04
N LEU C 117 14.08 8.75 14.98
CA LEU C 117 13.72 8.30 13.64
C LEU C 117 14.94 8.21 12.74
N GLN C 118 16.09 7.92 13.35
CA GLN C 118 17.31 7.71 12.59
C GLN C 118 17.18 6.48 11.67
N GLY C 119 17.97 6.47 10.60
CA GLY C 119 17.93 5.36 9.65
C GLY C 119 16.94 5.65 8.55
N LYS C 120 16.10 6.64 8.78
CA LYS C 120 15.13 7.07 7.80
C LYS C 120 15.63 8.32 7.09
N SER C 121 15.26 8.44 5.82
CA SER C 121 15.51 9.65 5.03
C SER C 121 14.16 10.13 4.49
N ALA C 122 14.16 11.25 3.75
CA ALA C 122 12.90 11.78 3.23
C ALA C 122 13.04 12.56 1.92
N TRP C 123 11.92 12.68 1.22
CA TRP C 123 11.87 13.49 0.02
C TRP C 123 10.62 14.34 0.12
N ILE C 124 10.79 15.65 -0.01
CA ILE C 124 9.66 16.58 0.00
C ILE C 124 9.41 17.15 -1.40
N ILE C 125 8.20 16.95 -1.90
CA ILE C 125 7.77 17.53 -3.16
C ILE C 125 6.63 18.54 -2.92
N THR C 126 6.96 19.82 -3.03
CA THR C 126 5.97 20.87 -2.81
C THR C 126 5.67 21.62 -4.10
N THR C 127 4.41 22.02 -4.26
CA THR C 127 4.03 22.88 -5.38
C THR C 127 3.58 24.26 -4.89
N HIS C 128 3.90 25.30 -5.64
CA HIS C 128 3.41 26.65 -5.31
C HIS C 128 3.51 27.59 -6.49
N ASN C 129 2.97 28.80 -6.35
CA ASN C 129 3.02 29.79 -7.43
C ASN C 129 3.94 30.97 -7.24
N THR C 130 4.90 30.82 -6.35
CA THR C 130 5.84 31.88 -6.08
C THR C 130 6.99 31.70 -7.05
N PRO C 131 7.39 32.79 -7.74
CA PRO C 131 8.52 32.72 -8.68
C PRO C 131 9.81 32.34 -7.96
N SER C 132 10.58 31.45 -8.58
CA SER C 132 11.81 30.93 -7.99
C SER C 132 12.83 32.02 -7.65
N PHE C 133 12.71 33.17 -8.30
CA PHE C 133 13.60 34.29 -8.01
C PHE C 133 13.15 35.04 -6.75
N ALA C 134 11.88 34.87 -6.40
CA ALA C 134 11.33 35.40 -5.15
C ALA C 134 11.58 34.44 -3.99
N MET C 135 11.99 33.22 -4.30
CA MET C 135 12.15 32.20 -3.26
C MET C 135 13.24 32.48 -2.20
N PRO C 136 14.27 33.26 -2.56
CA PRO C 136 15.27 33.57 -1.53
C PRO C 136 14.74 34.46 -0.42
N PHE C 137 13.53 35.00 -0.59
CA PHE C 137 13.03 36.02 0.32
C PHE C 137 11.75 35.62 1.04
N VAL C 138 11.51 34.32 1.17
CA VAL C 138 10.36 33.81 1.91
C VAL C 138 10.77 32.73 2.91
N GLN C 139 10.09 32.71 4.06
CA GLN C 139 10.31 31.70 5.08
C GLN C 139 9.51 30.42 4.83
N ASP C 140 10.06 29.30 5.27
CA ASP C 140 9.39 27.99 5.16
C ASP C 140 9.29 27.53 3.70
N TYR C 141 8.07 27.43 3.19
CA TYR C 141 7.84 26.82 1.88
C TYR C 141 8.49 25.44 1.84
N GLY C 142 8.27 24.64 2.88
CA GLY C 142 8.82 23.31 2.97
C GLY C 142 10.12 23.19 3.76
N LYS C 143 10.75 24.33 4.03
CA LYS C 143 11.99 24.34 4.78
C LYS C 143 11.79 24.07 6.27
N VAL C 144 10.63 24.46 6.81
CA VAL C 144 10.37 24.15 8.21
C VAL C 144 10.29 22.63 8.37
N LEU C 145 9.48 21.99 7.55
CA LEU C 145 9.39 20.53 7.53
C LEU C 145 10.76 19.82 7.35
N LYS C 146 11.60 20.34 6.46
CA LYS C 146 12.94 19.81 6.25
C LYS C 146 13.91 20.01 7.44
N LYS C 147 14.23 21.26 7.74
CA LYS C 147 15.26 21.58 8.73
C LYS C 147 14.80 21.61 10.18
N GLN C 148 13.51 21.87 10.43
CA GLN C 148 13.05 22.04 11.81
C GLN C 148 12.07 20.98 12.33
N ILE C 149 11.69 20.02 11.49
CA ILE C 149 10.79 18.95 11.92
C ILE C 149 11.41 17.57 11.67
N LEU C 150 11.75 17.28 10.41
CA LEU C 150 12.31 15.99 10.06
C LEU C 150 13.72 15.81 10.67
N LYS C 151 14.60 16.76 10.39
CA LYS C 151 15.99 16.66 10.86
C LYS C 151 16.15 16.56 12.39
N PRO C 152 15.37 17.33 13.18
CA PRO C 152 15.44 17.16 14.64
C PRO C 152 15.07 15.74 15.11
N CYS C 153 14.19 15.05 14.38
CA CYS C 153 13.80 13.68 14.73
C CYS C 153 14.79 12.63 14.23
N ALA C 154 15.93 13.09 13.71
CA ALA C 154 17.02 12.23 13.23
C ALA C 154 16.75 11.67 11.83
N ILE C 155 15.82 12.29 11.11
CA ILE C 155 15.51 11.88 9.75
C ILE C 155 16.42 12.62 8.75
N SER C 156 17.19 11.86 7.96
CA SER C 156 18.20 12.45 7.09
C SER C 156 18.78 11.38 6.16
N PRO C 157 19.14 11.77 4.93
CA PRO C 157 19.02 13.13 4.39
C PRO C 157 17.58 13.44 4.03
N VAL C 158 17.26 14.72 3.83
CA VAL C 158 15.94 15.13 3.37
C VAL C 158 16.13 15.94 2.08
N LYS C 159 15.56 15.49 0.97
CA LYS C 159 15.61 16.27 -0.26
C LYS C 159 14.35 17.09 -0.44
N LEU C 160 14.52 18.35 -0.83
CA LEU C 160 13.39 19.21 -1.10
C LEU C 160 13.33 19.55 -2.60
N THR C 161 12.17 19.29 -3.19
CA THR C 161 11.91 19.62 -4.59
C THR C 161 10.71 20.56 -4.68
N GLU C 162 10.95 21.75 -5.22
CA GLU C 162 9.90 22.75 -5.39
C GLU C 162 9.48 22.85 -6.85
N LEU C 163 8.18 22.76 -7.11
CA LEU C 163 7.65 23.04 -8.44
C LEU C 163 7.01 24.41 -8.36
N THR C 164 7.77 25.43 -8.79
CA THR C 164 7.44 26.82 -8.55
C THR C 164 6.63 27.42 -9.69
N SER C 165 5.98 28.55 -9.42
CA SER C 165 5.16 29.23 -10.40
C SER C 165 4.21 28.24 -11.03
N ILE C 166 3.86 27.21 -10.27
CA ILE C 166 3.22 26.03 -10.82
C ILE C 166 1.98 26.29 -11.69
N GLU C 167 1.21 27.33 -11.37
CA GLU C 167 -0.02 27.65 -12.11
C GLU C 167 0.22 28.66 -13.23
N LYS C 168 1.23 29.50 -13.06
CA LYS C 168 1.57 30.53 -14.05
C LYS C 168 2.16 29.91 -15.31
N ILE C 169 3.00 28.90 -15.13
CA ILE C 169 3.63 28.21 -16.26
C ILE C 169 2.60 27.49 -17.14
N SER C 170 3.03 27.06 -18.33
CA SER C 170 2.14 26.45 -19.32
C SER C 170 1.90 24.98 -19.02
N ASP C 171 0.92 24.41 -19.73
CA ASP C 171 0.67 22.98 -19.66
C ASP C 171 1.94 22.18 -19.94
N ASP C 172 2.67 22.56 -20.98
CA ASP C 172 3.87 21.84 -21.37
C ASP C 172 4.96 21.88 -20.29
N GLU C 173 5.26 23.07 -19.79
CA GLU C 173 6.23 23.23 -18.73
C GLU C 173 5.85 22.35 -17.54
N ARG C 174 4.55 22.16 -17.33
CA ARG C 174 4.08 21.31 -16.23
C ARG C 174 4.34 19.83 -16.49
N GLN C 175 4.18 19.41 -17.75
CA GLN C 175 4.53 18.05 -18.16
C GLN C 175 6.02 17.79 -17.94
N LYS C 176 6.85 18.81 -18.18
CA LYS C 176 8.29 18.70 -17.97
C LYS C 176 8.69 18.61 -16.49
N LEU C 177 7.97 19.30 -15.62
CA LEU C 177 8.17 19.13 -14.19
C LEU C 177 7.74 17.72 -13.74
N LEU C 178 6.77 17.15 -14.45
CA LEU C 178 6.30 15.80 -14.16
C LEU C 178 7.36 14.79 -14.61
N HIS C 179 7.96 15.05 -15.77
CA HIS C 179 9.08 14.25 -16.26
C HIS C 179 10.18 14.19 -15.19
N LYS C 180 10.55 15.36 -14.66
CA LYS C 180 11.60 15.49 -13.65
C LYS C 180 11.30 14.75 -12.35
N VAL C 181 10.03 14.73 -11.95
CA VAL C 181 9.62 13.96 -10.79
C VAL C 181 9.75 12.46 -11.10
N ALA C 182 9.35 12.07 -12.30
CA ALA C 182 9.35 10.67 -12.68
C ALA C 182 10.77 10.12 -12.68
N GLN C 183 11.71 10.95 -13.08
CA GLN C 183 13.08 10.47 -13.22
C GLN C 183 13.79 10.45 -11.87
N ILE C 184 13.50 11.43 -11.02
CA ILE C 184 14.03 11.43 -9.66
C ILE C 184 13.52 10.22 -8.87
N THR C 185 12.27 9.84 -9.10
CA THR C 185 11.69 8.66 -8.48
C THR C 185 12.41 7.37 -8.89
N ARG C 186 12.79 7.30 -10.16
CA ARG C 186 13.44 6.13 -10.71
C ARG C 186 14.78 5.90 -10.04
N ASN C 187 15.27 6.95 -9.38
CA ASN C 187 16.59 6.90 -8.78
C ASN C 187 16.58 6.65 -7.28
N ILE C 188 15.38 6.56 -6.72
CA ILE C 188 15.25 6.14 -5.33
C ILE C 188 15.53 4.65 -5.29
N LEU C 189 16.78 4.32 -5.03
CA LEU C 189 17.27 2.95 -5.13
C LEU C 189 18.17 2.62 -3.96
N GLU C 190 18.10 1.38 -3.49
CA GLU C 190 19.07 0.92 -2.52
C GLU C 190 20.43 0.95 -3.22
N HIS C 191 21.49 1.20 -2.47
CA HIS C 191 22.81 1.35 -3.07
C HIS C 191 23.25 0.05 -3.73
N HIS C 192 23.83 0.17 -4.93
CA HIS C 192 24.25 -0.96 -5.76
C HIS C 192 23.08 -1.80 -6.26
N HIS C 193 21.90 -1.17 -6.24
CA HIS C 193 20.72 -1.71 -6.92
C HIS C 193 20.34 -0.79 -8.06
N HIS C 194 19.75 -1.38 -9.10
CA HIS C 194 19.21 -0.63 -10.22
C HIS C 194 17.68 -0.67 -10.16
N HIS C 195 17.03 0.03 -11.09
CA HIS C 195 15.57 0.12 -11.12
C HIS C 195 14.90 -1.13 -11.73
N HIS C 196 13.91 -1.65 -11.00
CA HIS C 196 13.06 -2.75 -11.50
C HIS C 196 11.66 -2.23 -11.84
N MET D 1 -12.36 50.24 20.44
CA MET D 1 -11.92 49.37 19.35
C MET D 1 -12.65 48.02 19.42
N LYS D 2 -12.91 47.43 18.26
CA LYS D 2 -13.48 46.10 18.17
C LYS D 2 -12.38 45.04 18.14
N ILE D 3 -12.37 44.13 19.11
CA ILE D 3 -11.29 43.16 19.24
C ILE D 3 -11.73 41.69 19.21
N LEU D 4 -11.16 40.94 18.26
CA LEU D 4 -11.36 39.51 18.21
C LEU D 4 -10.11 38.80 18.71
N ILE D 5 -10.27 38.05 19.79
CA ILE D 5 -9.22 37.21 20.30
C ILE D 5 -9.38 35.81 19.70
N VAL D 6 -8.38 35.39 18.92
CA VAL D 6 -8.33 34.02 18.42
C VAL D 6 -7.40 33.23 19.34
N TYR D 7 -7.98 32.35 20.15
CA TYR D 7 -7.24 31.57 21.14
C TYR D 7 -7.20 30.10 20.73
N THR D 8 -6.01 29.52 20.80
CA THR D 8 -5.81 28.15 20.34
C THR D 8 -5.07 27.36 21.40
N HIS D 9 -5.79 26.56 22.16
CA HIS D 9 -5.16 25.60 23.06
C HIS D 9 -6.14 24.51 23.48
N PRO D 10 -5.69 23.24 23.45
CA PRO D 10 -6.60 22.14 23.82
C PRO D 10 -6.89 22.06 25.33
N ASN D 11 -6.04 22.68 26.15
CA ASN D 11 -6.17 22.54 27.61
C ASN D 11 -6.73 23.79 28.28
N PRO D 12 -7.91 23.65 28.92
CA PRO D 12 -8.59 24.76 29.60
C PRO D 12 -7.74 25.33 30.74
N THR D 13 -6.90 24.49 31.34
CA THR D 13 -6.09 24.89 32.48
C THR D 13 -4.63 25.08 32.10
N SER D 14 -4.39 25.38 30.82
CA SER D 14 -3.02 25.52 30.31
C SER D 14 -2.43 26.88 30.66
N PHE D 15 -1.16 27.08 30.33
CA PHE D 15 -0.56 28.40 30.46
C PHE D 15 -1.19 29.36 29.46
N ASN D 16 -1.41 28.90 28.23
CA ASN D 16 -2.08 29.73 27.23
C ASN D 16 -3.49 30.14 27.66
N ALA D 17 -4.16 29.27 28.39
CA ALA D 17 -5.45 29.61 28.97
C ALA D 17 -5.32 30.77 29.97
N GLU D 18 -4.24 30.78 30.73
CA GLU D 18 -4.00 31.88 31.66
C GLU D 18 -3.67 33.17 30.92
N ILE D 19 -2.91 33.06 29.84
CA ILE D 19 -2.62 34.19 28.97
C ILE D 19 -3.90 34.81 28.44
N LEU D 20 -4.73 33.96 27.82
CA LEU D 20 -6.07 34.37 27.40
C LEU D 20 -6.83 35.14 28.50
N LYS D 21 -6.73 34.63 29.73
CA LYS D 21 -7.42 35.22 30.88
C LYS D 21 -6.88 36.61 31.21
N GLN D 22 -5.56 36.75 31.18
CA GLN D 22 -4.88 38.04 31.38
C GLN D 22 -5.27 39.08 30.33
N VAL D 23 -5.38 38.65 29.07
CA VAL D 23 -5.81 39.54 27.99
C VAL D 23 -7.27 39.98 28.18
N GLN D 24 -8.19 39.02 28.31
CA GLN D 24 -9.60 39.32 28.47
C GLN D 24 -9.87 40.26 29.64
N THR D 25 -9.15 40.06 30.74
CA THR D 25 -9.42 40.81 31.97
C THR D 25 -8.68 42.14 32.05
N ASN D 26 -7.70 42.34 31.17
CA ASN D 26 -6.96 43.60 31.16
C ASN D 26 -7.31 44.56 30.02
N LEU D 27 -8.05 44.06 29.03
CA LEU D 27 -8.55 44.91 27.94
C LEU D 27 -9.52 45.94 28.50
N SER D 28 -9.25 47.21 28.21
CA SER D 28 -10.13 48.28 28.66
C SER D 28 -11.59 47.89 28.46
N LYS D 29 -12.38 48.00 29.54
CA LYS D 29 -13.81 47.71 29.48
C LYS D 29 -14.47 48.47 28.34
N GLU D 30 -13.80 49.53 27.88
CA GLU D 30 -14.30 50.35 26.79
C GLU D 30 -14.39 49.63 25.44
N HIS D 31 -13.57 48.60 25.26
CA HIS D 31 -13.53 47.83 24.01
C HIS D 31 -14.69 46.85 23.89
N THR D 32 -15.04 46.49 22.66
CA THR D 32 -15.99 45.41 22.39
C THR D 32 -15.20 44.16 22.01
N VAL D 33 -15.30 43.10 22.81
CA VAL D 33 -14.45 41.93 22.62
C VAL D 33 -15.25 40.65 22.43
N SER D 34 -14.90 39.85 21.42
CA SER D 34 -15.29 38.44 21.44
C SER D 34 -14.09 37.51 21.39
N THR D 35 -14.25 36.34 21.99
CA THR D 35 -13.18 35.34 22.03
C THR D 35 -13.54 34.12 21.20
N LEU D 36 -12.72 33.86 20.19
CA LEU D 36 -12.85 32.68 19.34
C LEU D 36 -11.88 31.60 19.82
N ASP D 37 -12.41 30.72 20.64
CA ASP D 37 -11.67 29.58 21.17
C ASP D 37 -11.88 28.43 20.19
N LEU D 38 -10.87 28.16 19.35
CA LEU D 38 -11.04 27.21 18.25
C LEU D 38 -11.32 25.79 18.74
N TYR D 39 -10.65 25.38 19.82
CA TYR D 39 -10.91 24.07 20.38
C TYR D 39 -12.34 23.97 20.90
N ALA D 40 -12.78 24.99 21.64
CA ALA D 40 -14.13 25.02 22.19
C ALA D 40 -15.23 25.04 21.10
N GLU D 41 -14.94 25.61 19.95
CA GLU D 41 -15.87 25.64 18.82
C GLU D 41 -15.85 24.33 18.03
N HIS D 42 -14.94 23.43 18.41
CA HIS D 42 -14.66 22.23 17.64
C HIS D 42 -14.45 22.61 16.17
N PHE D 43 -13.66 23.66 15.95
CA PHE D 43 -13.39 24.11 14.59
C PHE D 43 -12.87 22.94 13.74
N ASP D 44 -13.35 22.85 12.50
CA ASP D 44 -12.83 21.87 11.55
C ASP D 44 -11.79 22.52 10.64
N PRO D 45 -10.51 22.24 10.90
CA PRO D 45 -9.47 22.99 10.21
C PRO D 45 -9.18 22.50 8.78
N VAL D 46 -9.92 21.50 8.29
CA VAL D 46 -9.57 20.90 7.00
C VAL D 46 -10.29 21.51 5.80
N LEU D 47 -9.52 22.24 4.98
CA LEU D 47 -10.04 22.86 3.77
C LEU D 47 -10.28 21.82 2.67
N GLN D 48 -11.46 21.90 2.05
CA GLN D 48 -11.86 20.98 0.99
C GLN D 48 -12.18 21.76 -0.28
N PHE D 49 -11.79 21.21 -1.43
CA PHE D 49 -12.17 21.76 -2.72
C PHE D 49 -11.79 20.77 -3.84
N ASN D 50 -12.53 20.83 -4.93
CA ASN D 50 -12.31 19.94 -6.08
C ASN D 50 -13.00 20.53 -7.29
N GLU D 51 -13.32 19.68 -8.26
CA GLU D 51 -13.96 20.13 -9.49
C GLU D 51 -15.34 20.76 -9.27
N THR D 52 -16.04 20.26 -8.26
CA THR D 52 -17.37 20.75 -7.91
C THR D 52 -17.27 21.96 -6.99
N HIS D 53 -16.81 21.72 -5.76
CA HIS D 53 -16.70 22.75 -4.73
C HIS D 53 -15.49 23.64 -5.00
N LYS D 54 -15.42 24.14 -6.24
CA LYS D 54 -14.25 24.84 -6.76
C LYS D 54 -13.64 25.83 -5.78
N ARG D 55 -12.34 26.07 -5.95
CA ARG D 55 -11.59 26.95 -5.07
C ARG D 55 -12.12 28.39 -5.17
N ARG D 56 -12.81 28.67 -6.28
CA ARG D 56 -13.34 30.01 -6.54
C ARG D 56 -14.48 30.36 -5.57
N ASP D 57 -15.07 29.33 -4.95
CA ASP D 57 -16.26 29.51 -4.11
C ASP D 57 -15.99 29.42 -2.63
N LEU D 58 -14.71 29.55 -2.24
CA LEU D 58 -14.31 29.43 -0.83
C LEU D 58 -14.87 30.56 0.03
N ALA D 59 -14.84 31.77 -0.52
CA ALA D 59 -15.38 32.94 0.17
C ALA D 59 -16.88 32.82 0.41
N LYS D 60 -17.52 31.82 -0.17
CA LYS D 60 -18.97 31.66 -0.05
C LYS D 60 -19.37 30.43 0.76
N VAL D 61 -18.39 29.63 1.18
CA VAL D 61 -18.66 28.46 2.02
C VAL D 61 -19.45 28.81 3.29
N ALA D 62 -20.70 28.35 3.34
CA ALA D 62 -21.61 28.65 4.45
C ALA D 62 -21.00 28.42 5.83
N GLU D 63 -20.43 27.23 6.05
CA GLU D 63 -19.87 26.82 7.34
C GLU D 63 -18.94 27.87 7.94
N MET D 64 -18.24 28.60 7.07
CA MET D 64 -17.24 29.57 7.50
C MET D 64 -17.78 31.00 7.62
N GLU D 65 -19.07 31.16 7.32
CA GLU D 65 -19.67 32.49 7.29
C GLU D 65 -19.60 33.15 8.67
N LYS D 66 -19.70 32.33 9.72
CA LYS D 66 -19.60 32.84 11.09
C LYS D 66 -18.22 33.44 11.39
N TYR D 67 -17.18 32.84 10.80
CA TYR D 67 -15.81 33.27 11.07
C TYR D 67 -15.36 34.40 10.16
N ARG D 68 -15.83 34.39 8.91
CA ARG D 68 -15.63 35.52 8.02
C ARG D 68 -16.26 36.77 8.62
N ASP D 69 -17.41 36.59 9.28
CA ASP D 69 -18.12 37.70 9.93
C ASP D 69 -17.34 38.27 11.12
N LEU D 70 -16.67 37.41 11.88
CA LEU D 70 -15.88 37.84 13.04
C LEU D 70 -14.63 38.62 12.64
N VAL D 71 -13.98 38.18 11.56
CA VAL D 71 -12.81 38.88 11.02
C VAL D 71 -13.19 40.23 10.39
N THR D 72 -14.32 40.28 9.69
CA THR D 72 -14.76 41.52 9.06
C THR D 72 -15.10 42.59 10.10
N TRP D 73 -15.75 42.15 11.17
CA TRP D 73 -16.16 43.03 12.26
C TRP D 73 -14.95 43.57 13.06
N ALA D 74 -13.97 42.72 13.29
CA ALA D 74 -12.81 43.06 14.12
C ALA D 74 -12.00 44.24 13.57
N ASP D 75 -11.60 45.14 14.46
CA ASP D 75 -10.62 46.16 14.16
C ASP D 75 -9.23 45.62 14.50
N HIS D 76 -9.18 44.66 15.41
CA HIS D 76 -7.91 44.23 15.98
C HIS D 76 -8.00 42.74 16.34
N LEU D 77 -7.07 41.96 15.79
CA LEU D 77 -7.01 40.51 16.00
C LEU D 77 -5.87 40.16 16.96
N ILE D 78 -6.20 39.55 18.09
CA ILE D 78 -5.18 39.04 19.01
C ILE D 78 -5.06 37.51 18.94
N PHE D 79 -3.92 37.04 18.44
CA PHE D 79 -3.65 35.59 18.36
C PHE D 79 -2.84 35.08 19.55
N ILE D 80 -3.39 34.09 20.25
CA ILE D 80 -2.71 33.44 21.36
C ILE D 80 -2.58 31.94 21.07
N PHE D 81 -1.34 31.45 20.95
CA PHE D 81 -1.13 30.03 20.65
C PHE D 81 0.28 29.55 20.99
N PRO D 82 0.44 28.24 21.25
CA PRO D 82 1.81 27.78 21.48
C PRO D 82 2.46 27.48 20.14
N ILE D 83 3.77 27.65 20.05
CA ILE D 83 4.48 27.17 18.89
C ILE D 83 4.44 25.64 18.92
N TRP D 84 3.87 25.05 17.87
CA TRP D 84 3.98 23.61 17.65
C TRP D 84 4.72 23.37 16.35
N TRP D 85 5.84 22.66 16.45
CA TRP D 85 6.67 22.36 15.29
C TRP D 85 6.90 23.62 14.46
N SER D 86 7.32 24.67 15.16
CA SER D 86 7.81 25.91 14.54
C SER D 86 6.73 26.89 14.13
N GLY D 87 5.47 26.53 14.31
CA GLY D 87 4.39 27.40 13.88
C GLY D 87 3.08 27.19 14.59
N MET D 88 2.01 27.51 13.88
CA MET D 88 0.65 27.37 14.39
C MET D 88 0.23 25.92 14.52
N PRO D 89 -0.44 25.58 15.66
CA PRO D 89 -1.16 24.31 15.77
C PRO D 89 -2.05 24.14 14.54
N ALA D 90 -2.15 22.92 14.04
CA ALA D 90 -2.89 22.67 12.81
C ALA D 90 -4.27 23.34 12.78
N ILE D 91 -4.99 23.31 13.91
CA ILE D 91 -6.34 23.87 13.98
C ILE D 91 -6.36 25.38 13.70
N LEU D 92 -5.35 26.09 14.20
CA LEU D 92 -5.18 27.52 13.90
C LEU D 92 -4.79 27.75 12.44
N LYS D 93 -3.84 26.94 11.94
CA LYS D 93 -3.43 26.97 10.52
C LYS D 93 -4.64 26.78 9.59
N GLY D 94 -5.48 25.80 9.91
CA GLY D 94 -6.69 25.53 9.13
C GLY D 94 -7.74 26.63 9.22
N PHE D 95 -7.72 27.38 10.32
CA PHE D 95 -8.57 28.56 10.45
C PHE D 95 -8.18 29.58 9.37
N ILE D 96 -6.89 29.83 9.24
CA ILE D 96 -6.36 30.66 8.17
C ILE D 96 -6.71 30.07 6.79
N ASP D 97 -6.38 28.80 6.60
CA ASP D 97 -6.64 28.11 5.34
C ASP D 97 -8.09 28.30 4.87
N ARG D 98 -9.03 28.10 5.80
CA ARG D 98 -10.46 28.07 5.48
C ARG D 98 -11.16 29.44 5.50
N VAL D 99 -10.71 30.34 6.35
CA VAL D 99 -11.35 31.64 6.51
C VAL D 99 -10.66 32.75 5.71
N PHE D 100 -9.34 32.68 5.61
CA PHE D 100 -8.59 33.70 4.87
C PHE D 100 -8.40 33.28 3.41
N VAL D 101 -9.52 33.20 2.69
CA VAL D 101 -9.53 32.68 1.32
C VAL D 101 -9.63 33.78 0.27
N ALA D 102 -9.39 33.41 -0.99
CA ALA D 102 -9.54 34.33 -2.12
C ALA D 102 -10.95 34.91 -2.17
N ASP D 103 -11.03 36.18 -2.55
CA ASP D 103 -12.29 36.91 -2.63
C ASP D 103 -12.78 37.40 -1.28
N PHE D 104 -12.06 37.04 -0.22
CA PHE D 104 -12.36 37.55 1.11
C PHE D 104 -11.16 38.25 1.76
N ALA D 105 -10.13 37.47 2.10
CA ALA D 105 -8.98 38.01 2.82
C ALA D 105 -8.02 38.77 1.89
N TYR D 106 -8.02 38.39 0.62
CA TYR D 106 -7.11 38.96 -0.36
C TYR D 106 -7.68 38.72 -1.74
N SER D 107 -7.11 39.41 -2.74
CA SER D 107 -7.38 39.10 -4.15
C SER D 107 -6.07 39.14 -4.94
N TYR D 108 -6.12 38.75 -6.21
CA TYR D 108 -4.95 38.78 -7.09
C TYR D 108 -4.91 40.08 -7.91
N LYS D 109 -3.71 40.49 -8.29
CA LYS D 109 -3.54 41.56 -9.28
C LYS D 109 -2.46 41.20 -10.29
N LYS D 110 -2.01 42.19 -11.06
CA LYS D 110 -0.90 42.00 -11.98
C LYS D 110 0.36 41.65 -11.21
N VAL D 111 0.56 42.32 -10.09
CA VAL D 111 1.70 42.04 -9.21
C VAL D 111 1.47 40.75 -8.44
N GLY D 112 1.47 40.83 -7.11
CA GLY D 112 1.19 39.66 -6.30
C GLY D 112 -0.26 39.56 -5.85
N LEU D 113 -0.51 39.88 -4.58
CA LEU D 113 -1.86 39.84 -4.04
C LEU D 113 -2.28 41.20 -3.52
N GLU D 114 -3.57 41.51 -3.63
CA GLU D 114 -4.13 42.72 -3.07
C GLU D 114 -4.85 42.37 -1.77
N GLY D 115 -4.32 42.84 -0.64
CA GLY D 115 -4.93 42.54 0.64
C GLY D 115 -6.25 43.26 0.84
N HIS D 116 -7.23 42.57 1.41
CA HIS D 116 -8.55 43.14 1.63
C HIS D 116 -8.80 43.56 3.06
N LEU D 117 -8.03 43.00 3.99
CA LEU D 117 -8.29 43.24 5.40
C LEU D 117 -7.63 44.52 5.89
N GLN D 118 -7.52 45.51 5.00
CA GLN D 118 -6.90 46.78 5.38
C GLN D 118 -7.71 47.45 6.48
N GLY D 119 -7.03 48.25 7.30
CA GLY D 119 -7.69 48.89 8.42
C GLY D 119 -7.58 48.10 9.72
N LYS D 120 -7.25 46.82 9.63
CA LYS D 120 -7.06 46.00 10.84
C LYS D 120 -5.58 45.89 11.24
N SER D 121 -5.34 45.89 12.55
CA SER D 121 -4.02 45.64 13.12
C SER D 121 -4.05 44.24 13.76
N ALA D 122 -2.92 43.78 14.31
CA ALA D 122 -2.90 42.48 14.96
C ALA D 122 -1.95 42.41 16.16
N TRP D 123 -2.16 41.41 17.00
CA TRP D 123 -1.25 41.14 18.09
C TRP D 123 -1.14 39.63 18.30
N ILE D 124 0.05 39.11 18.07
CA ILE D 124 0.34 37.68 18.20
C ILE D 124 1.09 37.42 19.49
N ILE D 125 0.49 36.65 20.37
CA ILE D 125 1.16 36.24 21.60
C ILE D 125 1.44 34.76 21.49
N THR D 126 2.72 34.38 21.53
CA THR D 126 3.07 32.97 21.44
C THR D 126 3.96 32.52 22.59
N THR D 127 3.85 31.25 22.94
CA THR D 127 4.75 30.63 23.91
C THR D 127 5.53 29.50 23.24
N HIS D 128 6.82 29.38 23.57
CA HIS D 128 7.65 28.30 23.07
C HIS D 128 8.85 28.06 23.98
N ASN D 129 9.54 26.96 23.76
CA ASN D 129 10.63 26.51 24.64
C ASN D 129 12.05 26.85 24.19
N THR D 130 12.18 27.71 23.18
CA THR D 130 13.50 27.97 22.59
C THR D 130 14.17 29.21 23.17
N PRO D 131 15.49 29.13 23.40
CA PRO D 131 16.28 30.32 23.75
C PRO D 131 16.11 31.43 22.73
N SER D 132 16.00 32.65 23.23
CA SER D 132 15.88 33.84 22.40
C SER D 132 17.16 34.15 21.60
N PHE D 133 18.30 33.65 22.07
CA PHE D 133 19.57 33.87 21.38
C PHE D 133 19.65 32.97 20.17
N ALA D 134 18.76 31.97 20.15
CA ALA D 134 18.66 31.03 19.05
C ALA D 134 17.55 31.47 18.10
N MET D 135 16.70 32.36 18.58
CA MET D 135 15.59 32.85 17.77
C MET D 135 15.99 33.46 16.42
N PRO D 136 17.10 34.21 16.38
CA PRO D 136 17.44 34.86 15.10
C PRO D 136 17.75 33.84 14.01
N PHE D 137 17.98 32.59 14.42
CA PHE D 137 18.43 31.53 13.52
C PHE D 137 17.37 30.43 13.25
N VAL D 138 16.15 30.61 13.76
CA VAL D 138 15.06 29.68 13.48
C VAL D 138 13.99 30.33 12.61
N GLN D 139 13.36 29.55 11.72
CA GLN D 139 12.30 30.07 10.87
C GLN D 139 10.95 30.02 11.55
N ASP D 140 10.04 30.86 11.05
CA ASP D 140 8.67 30.96 11.52
C ASP D 140 8.57 31.34 13.00
N TYR D 141 8.01 30.45 13.82
CA TYR D 141 7.75 30.78 15.22
C TYR D 141 6.85 32.03 15.33
N GLY D 142 5.96 32.20 14.36
CA GLY D 142 4.99 33.28 14.39
C GLY D 142 5.31 34.39 13.41
N LYS D 143 6.52 34.38 12.87
CA LYS D 143 6.97 35.34 11.88
C LYS D 143 6.32 35.09 10.52
N VAL D 144 5.91 33.85 10.27
CA VAL D 144 5.20 33.55 9.02
C VAL D 144 3.77 34.12 9.06
N LEU D 145 3.06 33.87 10.15
CA LEU D 145 1.72 34.42 10.29
C LEU D 145 1.75 35.95 10.20
N LYS D 146 2.73 36.55 10.87
CA LYS D 146 2.82 38.01 10.91
C LYS D 146 3.25 38.58 9.57
N LYS D 147 4.29 37.99 9.00
CA LYS D 147 4.95 38.55 7.82
C LYS D 147 4.43 38.02 6.49
N GLN D 148 4.02 36.75 6.44
CA GLN D 148 3.64 36.15 5.16
C GLN D 148 2.16 35.78 5.11
N ILE D 149 1.45 36.00 6.21
CA ILE D 149 0.02 35.78 6.24
C ILE D 149 -0.73 37.08 6.51
N LEU D 150 -0.63 37.58 7.74
CA LEU D 150 -1.37 38.79 8.12
C LEU D 150 -1.00 39.97 7.22
N LYS D 151 0.31 40.19 7.04
CA LYS D 151 0.82 41.30 6.23
C LYS D 151 0.30 41.38 4.78
N PRO D 152 0.33 40.26 4.01
CA PRO D 152 -0.19 40.30 2.64
C PRO D 152 -1.72 40.49 2.53
N CYS D 153 -2.43 40.35 3.64
CA CYS D 153 -3.88 40.58 3.66
C CYS D 153 -4.18 42.02 4.06
N ALA D 154 -3.13 42.82 4.17
CA ALA D 154 -3.17 44.24 4.54
C ALA D 154 -3.42 44.49 6.03
N ILE D 155 -3.21 43.46 6.84
CA ILE D 155 -3.33 43.60 8.29
C ILE D 155 -2.01 44.16 8.86
N SER D 156 -2.10 45.33 9.47
CA SER D 156 -0.92 46.09 9.85
C SER D 156 -1.32 47.26 10.74
N PRO D 157 -0.52 47.53 11.79
CA PRO D 157 0.71 46.81 12.14
C PRO D 157 0.43 45.49 12.84
N VAL D 158 1.45 44.65 12.90
CA VAL D 158 1.34 43.40 13.63
C VAL D 158 2.42 43.34 14.69
N LYS D 159 1.99 43.14 15.92
CA LYS D 159 2.92 43.04 17.03
C LYS D 159 3.14 41.57 17.33
N LEU D 160 4.40 41.13 17.33
CA LEU D 160 4.73 39.77 17.70
C LEU D 160 5.33 39.74 19.10
N THR D 161 4.66 39.04 20.01
CA THR D 161 5.10 38.92 21.39
C THR D 161 5.39 37.45 21.65
N GLU D 162 6.65 37.14 21.93
CA GLU D 162 7.03 35.76 22.14
C GLU D 162 7.51 35.56 23.57
N LEU D 163 6.99 34.52 24.22
CA LEU D 163 7.39 34.15 25.57
C LEU D 163 8.24 32.88 25.45
N THR D 164 9.53 33.02 25.72
CA THR D 164 10.52 32.02 25.35
C THR D 164 11.01 31.21 26.55
N SER D 165 11.69 30.11 26.29
CA SER D 165 12.15 29.19 27.34
C SER D 165 11.03 29.00 28.35
N ILE D 166 9.81 28.95 27.84
CA ILE D 166 8.58 29.06 28.63
C ILE D 166 8.38 27.90 29.62
N GLU D 167 8.90 26.72 29.27
CA GLU D 167 8.82 25.57 30.16
C GLU D 167 10.13 25.35 30.91
N LYS D 168 11.12 26.21 30.66
CA LYS D 168 12.41 26.10 31.34
C LYS D 168 12.46 26.97 32.61
N ILE D 169 11.87 28.15 32.52
CA ILE D 169 11.85 29.12 33.62
C ILE D 169 10.90 28.70 34.77
N SER D 170 10.90 29.46 35.86
CA SER D 170 10.09 29.09 37.02
C SER D 170 8.67 29.65 36.94
N ASP D 171 7.80 29.14 37.81
CA ASP D 171 6.43 29.64 37.90
C ASP D 171 6.46 31.15 38.11
N ASP D 172 7.47 31.57 38.87
CA ASP D 172 7.63 32.96 39.25
C ASP D 172 8.07 33.81 38.07
N GLU D 173 9.01 33.29 37.27
CA GLU D 173 9.43 33.98 36.05
C GLU D 173 8.29 34.01 35.03
N ARG D 174 7.54 32.91 34.92
CA ARG D 174 6.40 32.89 34.02
C ARG D 174 5.34 33.89 34.49
N GLN D 175 5.14 33.97 35.79
CA GLN D 175 4.17 34.91 36.34
C GLN D 175 4.60 36.34 36.04
N LYS D 176 5.90 36.60 36.07
CA LYS D 176 6.41 37.91 35.70
C LYS D 176 5.99 38.20 34.26
N LEU D 177 6.15 37.21 33.39
CA LEU D 177 5.70 37.31 32.00
C LEU D 177 4.20 37.59 31.90
N LEU D 178 3.42 37.03 32.83
CA LEU D 178 1.98 37.25 32.83
C LEU D 178 1.62 38.70 33.20
N HIS D 179 2.37 39.26 34.15
CA HIS D 179 2.17 40.67 34.54
C HIS D 179 2.55 41.62 33.41
N LYS D 180 3.48 41.19 32.57
CA LYS D 180 3.95 41.98 31.44
C LYS D 180 2.94 42.02 30.30
N VAL D 181 2.34 40.88 30.01
CA VAL D 181 1.26 40.78 29.04
C VAL D 181 0.05 41.61 29.51
N ALA D 182 -0.09 41.75 30.82
CA ALA D 182 -1.13 42.58 31.41
C ALA D 182 -0.91 44.09 31.14
N GLN D 183 0.32 44.56 31.34
CA GLN D 183 0.75 45.92 30.94
C GLN D 183 0.44 46.24 29.48
N ILE D 184 0.92 45.38 28.59
CA ILE D 184 0.72 45.57 27.15
C ILE D 184 -0.77 45.66 26.81
N THR D 185 -1.56 44.75 27.35
CA THR D 185 -2.99 44.72 27.09
C THR D 185 -3.67 46.08 27.39
N ARG D 186 -3.31 46.71 28.52
CA ARG D 186 -3.91 48.00 28.90
C ARG D 186 -3.40 49.15 28.04
N ASN D 187 -2.19 49.03 27.53
CA ASN D 187 -1.62 50.08 26.72
C ASN D 187 -2.26 50.14 25.32
N ILE D 188 -3.07 49.14 25.00
CA ILE D 188 -3.82 49.15 23.74
C ILE D 188 -4.85 50.28 23.70
PA FAD E . -13.27 -10.81 -17.61
O1A FAD E . -13.09 -11.58 -19.05
O2A FAD E . -12.24 -9.78 -17.45
O5B FAD E . -14.76 -10.15 -17.51
C5B FAD E . -15.86 -11.00 -17.43
C4B FAD E . -17.19 -10.28 -17.59
O4B FAD E . -17.51 -9.26 -16.59
C3B FAD E . -17.38 -9.48 -18.95
O3B FAD E . -18.51 -9.72 -19.73
C2B FAD E . -17.05 -8.06 -18.54
O2B FAD E . -17.31 -7.04 -19.47
C1B FAD E . -17.72 -8.03 -17.22
N9A FAD E . -17.37 -6.92 -16.35
C8A FAD E . -16.19 -6.30 -16.24
N7A FAD E . -16.31 -5.31 -15.28
C5A FAD E . -17.60 -5.34 -14.79
C6A FAD E . -18.25 -4.60 -13.84
N6A FAD E . -17.54 -3.54 -13.14
N1A FAD E . -19.53 -4.85 -13.56
C2A FAD E . -20.20 -5.84 -14.21
N3A FAD E . -19.55 -6.57 -15.16
C4A FAD E . -18.26 -6.33 -15.44
N1 FAD E . -13.44 -21.37 -15.41
C2 FAD E . -14.15 -22.70 -15.12
O2 FAD E . -15.26 -22.62 -14.29
N3 FAD E . -13.13 -23.79 -14.72
C4 FAD E . -11.72 -23.92 -15.44
O4 FAD E . -10.78 -24.63 -14.70
C4X FAD E . -11.17 -22.59 -15.97
N5 FAD E . -9.86 -22.50 -16.63
C5X FAD E . -9.44 -21.30 -17.34
C6 FAD E . -8.13 -21.28 -17.86
C7 FAD E . -7.69 -20.18 -18.52
C7M FAD E . -6.27 -20.15 -19.08
C8 FAD E . -8.51 -19.11 -18.67
C8M FAD E . -8.01 -17.87 -19.41
C9 FAD E . -9.78 -19.13 -18.17
C9A FAD E . -10.25 -20.27 -17.48
N10 FAD E . -11.59 -20.27 -16.95
C10 FAD E . -12.14 -21.41 -16.20
C1' FAD E . -12.37 -19.05 -16.99
C2' FAD E . -12.10 -18.02 -15.88
O2' FAD E . -12.20 -18.50 -14.56
C3' FAD E . -12.83 -16.72 -16.13
O3' FAD E . -12.54 -16.16 -17.38
C4' FAD E . -12.59 -15.75 -14.99
O4' FAD E . -12.72 -16.32 -13.72
C5' FAD E . -13.40 -14.48 -15.11
O5' FAD E . -12.81 -13.42 -14.42
P FAD E . -12.06 -12.30 -15.35
O1P FAD E . -11.56 -11.07 -14.39
O2P FAD E . -10.94 -12.93 -16.06
O3P FAD E . -13.27 -11.94 -16.40
C1K VK3 F . 4.86 -28.79 1.90
O1K VK3 F . 5.40 -27.53 1.65
C2K VK3 F . 3.39 -28.90 2.00
C3K VK3 F . 2.83 -30.12 2.27
C4K VK3 F . 3.65 -31.26 2.46
O4K VK3 F . 3.06 -32.51 2.76
C5K VK3 F . 5.08 -31.15 2.36
C6K VK3 F . 5.91 -32.29 2.52
C7K VK3 F . 7.27 -32.18 2.42
C8K VK3 F . 7.87 -30.86 2.12
C9K VK3 F . 7.07 -29.76 1.96
C10 VK3 F . 5.66 -29.88 2.06
C11 VK3 F . 1.31 -30.21 2.40
PA FAD G . 14.81 -35.47 -4.44
O1A FAD G . 14.86 -34.35 -3.24
O2A FAD G . 15.65 -35.13 -5.58
O5B FAD G . 15.22 -36.93 -3.85
C5B FAD G . 14.32 -37.50 -2.97
C4B FAD G . 14.94 -38.75 -2.39
O4B FAD G . 15.31 -39.76 -3.38
C3B FAD G . 16.30 -38.48 -1.62
O3B FAD G . 16.44 -38.98 -0.33
C2B FAD G . 17.34 -38.78 -2.71
O2B FAD G . 18.69 -38.77 -2.38
C1B FAD G . 16.69 -39.96 -3.33
N9A FAD G . 17.21 -40.38 -4.63
C8A FAD G . 17.62 -39.65 -5.67
N7A FAD G . 18.02 -40.53 -6.67
C5A FAD G . 17.87 -41.81 -6.21
C6A FAD G . 18.11 -43.06 -6.75
N6A FAD G . 18.65 -43.21 -8.07
N1A FAD G . 17.85 -44.14 -6.03
C2A FAD G . 17.33 -44.06 -4.79
N3A FAD G . 17.09 -42.84 -4.25
C4A FAD G . 17.35 -41.74 -4.96
N1 FAD G . 4.84 -33.52 -0.77
C2 FAD G . 3.43 -33.89 -0.28
O2 FAD G . 3.13 -35.24 -0.32
N3 FAD G . 2.34 -32.96 -0.87
C4 FAD G . 2.60 -31.39 -0.91
O4 FAD G . 1.56 -30.65 -1.49
C4X FAD G . 4.03 -31.05 -1.38
N5 FAD G . 4.48 -29.67 -1.51
C5X FAD G . 5.87 -29.34 -1.75
C6 FAD G . 6.15 -28.01 -2.12
C7 FAD G . 7.43 -27.64 -2.38
C7M FAD G . 7.68 -26.20 -2.81
C8 FAD G . 8.44 -28.55 -2.29
C8M FAD G . 9.88 -28.14 -2.59
C9 FAD G . 8.16 -29.84 -1.94
C9A FAD G . 6.83 -30.22 -1.66
N10 FAD G . 6.55 -31.59 -1.29
C10 FAD G . 5.18 -32.07 -1.09
C1' FAD G . 7.58 -32.59 -1.41
C2' FAD G . 7.79 -33.17 -2.82
O2' FAD G . 6.66 -33.79 -3.40
C3' FAD G . 9.06 -33.98 -2.92
O3' FAD G . 10.19 -33.28 -2.47
C4' FAD G . 9.22 -34.67 -4.28
O4' FAD G . 8.07 -35.30 -4.77
C5' FAD G . 10.42 -35.57 -4.41
O5' FAD G . 10.89 -35.63 -5.73
P FAD G . 12.39 -35.02 -5.99
O1P FAD G . 12.90 -35.46 -7.48
O2P FAD G . 12.37 -33.56 -5.76
O3P FAD G . 13.25 -35.76 -4.82
C1K VK3 H . -11.42 -24.05 -19.31
O1K VK3 H . -10.26 -23.64 -19.97
C2K VK3 H . -11.49 -25.39 -18.67
C3K VK3 H . -12.64 -25.80 -18.03
C4K VK3 H . -13.76 -24.93 -17.96
O4K VK3 H . -14.93 -25.37 -17.31
C5K VK3 H . -13.70 -23.62 -18.58
C6K VK3 H . -14.80 -22.74 -18.53
C7K VK3 H . -14.73 -21.50 -19.12
C8K VK3 H . -13.48 -21.07 -19.80
C9K VK3 H . -12.42 -21.92 -19.85
C10 VK3 H . -12.49 -23.21 -19.25
C11 VK3 H . -12.72 -27.19 -17.39
PA FAD I . -4.12 22.21 -9.53
O1A FAD I . -4.99 23.55 -9.13
O2A FAD I . -4.93 21.00 -9.41
O5B FAD I . -3.59 22.38 -11.06
C5B FAD I . -2.71 23.42 -11.34
C4B FAD I . -2.43 23.60 -12.82
O4B FAD I . -1.83 22.43 -13.45
C3B FAD I . -3.71 23.88 -13.73
O3B FAD I . -3.74 24.96 -14.62
C2B FAD I . -4.06 22.48 -14.20
O2B FAD I . -5.04 22.30 -15.18
C1B FAD I . -2.72 21.91 -14.40
N9A FAD I . -2.71 20.45 -14.42
C8A FAD I . -3.43 19.61 -13.66
N7A FAD I . -3.10 18.31 -14.03
C5A FAD I . -2.15 18.38 -15.02
C6A FAD I . -1.48 17.42 -15.72
N6A FAD I . -1.73 16.01 -15.47
N1A FAD I . -0.59 17.78 -16.65
C2A FAD I . -0.35 19.09 -16.89
N3A FAD I . -1.01 20.05 -16.18
C4A FAD I . -1.90 19.69 -15.26
N1 FAD I . 1.16 29.59 -3.50
C2 FAD I . 2.36 30.49 -3.15
O2 FAD I . 3.40 30.54 -4.05
N3 FAD I . 2.70 30.42 -1.65
C4 FAD I . 1.49 30.67 -0.64
O4 FAD I . 1.80 30.65 0.72
C4X FAD I . 0.21 29.90 -1.06
N5 FAD I . -0.96 29.76 -0.20
C5X FAD I . -2.13 29.03 -0.65
C6 FAD I . -3.14 28.81 0.30
C7 FAD I . -4.26 28.12 -0.06
C7M FAD I . -5.34 27.88 1.00
C8 FAD I . -4.41 27.66 -1.33
C8M FAD I . -5.65 26.88 -1.73
C9 FAD I . -3.42 27.88 -2.25
C9A FAD I . -2.25 28.58 -1.88
N10 FAD I . -1.24 28.83 -2.87
C10 FAD I . -0.01 29.57 -2.56
C1' FAD I . -1.35 28.26 -4.19
C2' FAD I . -0.84 26.83 -4.30
O2' FAD I . 0.48 26.64 -3.86
C3' FAD I . -1.20 26.13 -5.60
O3' FAD I . -2.55 26.26 -5.93
C4' FAD I . -0.73 24.68 -5.58
O4' FAD I . 0.63 24.54 -5.31
C5' FAD I . -1.14 23.92 -6.83
O5' FAD I . -1.13 22.53 -6.70
P FAD I . -2.53 21.78 -7.10
O1P FAD I . -2.38 20.16 -6.90
O2P FAD I . -3.63 22.31 -6.29
O3P FAD I . -2.72 22.14 -8.70
C1K VK3 J . 9.26 20.10 19.57
O1K VK3 J . 8.48 19.19 18.87
C2K VK3 J . 10.29 20.86 18.83
C3K VK3 J . 11.08 21.76 19.50
C4K VK3 J . 10.92 21.99 20.89
O4K VK3 J . 11.73 22.91 21.57
C5K VK3 J . 9.91 21.26 21.61
C6K VK3 J . 9.73 21.48 23.00
C7K VK3 J . 8.79 20.80 23.71
C8K VK3 J . 7.93 19.81 23.00
C9K VK3 J . 8.10 19.60 21.65
C10 VK3 J . 9.09 20.31 20.92
C11 VK3 J . 12.14 22.56 18.74
PA FAD K . 1.54 24.31 29.92
O1A FAD K . 2.14 22.79 30.14
O2A FAD K . 0.10 24.35 30.10
O5B FAD K . 2.30 25.29 30.97
C5B FAD K . 3.68 25.14 31.00
C4B FAD K . 4.22 25.40 32.39
O4B FAD K . 3.70 26.64 32.97
C3B FAD K . 3.88 24.30 33.47
O3B FAD K . 4.92 23.74 34.21
C2B FAD K . 2.69 24.88 34.19
O2B FAD K . 2.25 24.27 35.37
C1B FAD K . 3.04 26.32 34.16
N9A FAD K . 1.93 27.24 34.42
C8A FAD K . 0.64 27.06 34.11
N7A FAD K . -0.05 28.15 34.62
C5A FAD K . 0.84 28.98 35.24
C6A FAD K . 0.71 30.18 35.90
N6A FAD K . -0.60 30.78 36.07
N1A FAD K . 1.78 30.78 36.41
C2A FAD K . 3.00 30.22 36.28
N3A FAD K . 3.14 29.04 35.63
C4A FAD K . 2.06 28.43 35.11
N1 FAD K . 8.44 24.53 21.61
C2 FAD K . 9.70 24.91 20.82
O2 FAD K . 10.54 25.87 21.38
N3 FAD K . 9.46 24.98 19.28
C4 FAD K . 8.39 24.03 18.58
O4 FAD K . 8.79 23.51 17.34
C4X FAD K . 7.72 23.02 19.55
N5 FAD K . 6.71 22.07 19.07
C5X FAD K . 5.71 21.49 19.95
C6 FAD K . 4.79 20.57 19.38
C7 FAD K . 3.83 20.01 20.16
C7M FAD K . 2.86 19.02 19.54
C8 FAD K . 3.75 20.32 21.47
C8M FAD K . 2.65 19.69 22.33
C9 FAD K . 4.63 21.20 22.03
C9A FAD K . 5.62 21.79 21.22
N10 FAD K . 6.55 22.71 21.83
C10 FAD K . 7.56 23.43 21.04
C1' FAD K . 6.36 23.13 23.20
C2' FAD K . 5.33 24.24 23.38
O2' FAD K . 5.55 25.36 22.57
C3' FAD K . 5.10 24.55 24.84
O3' FAD K . 4.80 23.39 25.58
C4' FAD K . 4.14 25.71 25.04
O4' FAD K . 4.47 26.89 24.37
C5' FAD K . 3.72 25.96 26.48
O5' FAD K . 2.48 26.58 26.62
P FAD K . 1.28 25.68 27.30
O1P FAD K . 0.07 26.64 27.84
O2P FAD K . 0.80 24.71 26.33
O3P FAD K . 2.07 24.83 28.46
C1K VK3 L . -2.46 32.24 -1.58
O1K VK3 L . -3.72 31.73 -1.23
C2K VK3 L . -1.56 32.78 -0.53
C3K VK3 L . -0.31 33.28 -0.88
C4K VK3 L . 0.09 33.28 -2.25
O4K VK3 L . 1.35 33.80 -2.62
C5K VK3 L . -0.78 32.77 -3.26
C6K VK3 L . -0.37 32.79 -4.61
C7K VK3 L . -1.20 32.30 -5.58
C8K VK3 L . -2.53 31.75 -5.19
C9K VK3 L . -2.93 31.74 -3.89
C10 VK3 L . -2.07 32.24 -2.89
C11 VK3 L . 0.60 33.82 0.21
#